data_1HD6
#
_entry.id   1HD6
#
_cell.length_a   1.000
_cell.length_b   1.000
_cell.length_c   1.000
_cell.angle_alpha   90.00
_cell.angle_beta   90.00
_cell.angle_gamma   90.00
#
_symmetry.space_group_name_H-M   'P 1'
#
_entity_poly.entity_id   1
_entity_poly.type   'polypeptide(L)'
_entity_poly.pdbx_seq_one_letter_code
;DICDIAIAQCSLTLCQDCENTPICELAVKGSCPPPWS
;
_entity_poly.pdbx_strand_id   A
#
# COMPACT_ATOMS: atom_id res chain seq x y z
N ASP A 1 6.01 9.50 -3.38
CA ASP A 1 4.90 10.16 -2.66
C ASP A 1 4.32 9.20 -1.64
N ILE A 2 3.37 9.64 -0.82
CA ILE A 2 2.81 8.85 0.27
C ILE A 2 2.30 7.48 -0.18
N CYS A 3 1.81 7.36 -1.41
CA CYS A 3 1.38 6.08 -1.93
C CYS A 3 2.58 5.15 -2.01
N ASP A 4 3.69 5.70 -2.51
CA ASP A 4 4.95 4.99 -2.64
C ASP A 4 5.55 4.71 -1.26
N ILE A 5 5.37 5.63 -0.31
CA ILE A 5 5.66 5.38 1.10
C ILE A 5 4.92 4.10 1.53
N ALA A 6 3.59 4.07 1.36
CA ALA A 6 2.79 2.90 1.70
C ALA A 6 3.30 1.66 0.99
N ILE A 7 3.75 1.77 -0.25
CA ILE A 7 4.30 0.64 -1.00
C ILE A 7 5.64 0.18 -0.43
N ALA A 8 6.51 1.10 -0.03
CA ALA A 8 7.74 0.76 0.67
C ALA A 8 7.40 0.00 1.94
N GLN A 9 6.46 0.56 2.69
CA GLN A 9 6.02 0.05 3.98
C GLN A 9 5.18 -1.21 3.81
N CYS A 10 4.69 -1.43 2.59
CA CYS A 10 3.66 -2.37 2.17
C CYS A 10 2.60 -2.42 3.27
N SER A 11 1.87 -1.30 3.39
CA SER A 11 0.97 -1.00 4.48
C SER A 11 -0.39 -0.61 3.95
N LEU A 12 -1.42 -1.41 4.26
CA LEU A 12 -2.77 -1.07 3.85
C LEU A 12 -3.30 0.17 4.56
N THR A 13 -2.99 0.39 5.84
CA THR A 13 -3.49 1.61 6.47
C THR A 13 -2.94 2.84 5.74
N LEU A 14 -1.64 2.86 5.53
CA LEU A 14 -0.98 3.98 4.87
C LEU A 14 -1.52 4.12 3.44
N CYS A 15 -2.00 3.04 2.81
CA CYS A 15 -2.58 3.15 1.48
C CYS A 15 -3.81 4.05 1.49
N GLN A 16 -4.52 4.15 2.62
CA GLN A 16 -5.69 5.01 2.72
C GLN A 16 -5.33 6.50 2.63
N ASP A 17 -4.04 6.85 2.76
CA ASP A 17 -3.55 8.18 2.46
C ASP A 17 -3.51 8.38 0.94
N CYS A 18 -3.29 7.31 0.18
CA CYS A 18 -3.03 7.40 -1.25
C CYS A 18 -4.29 7.72 -2.02
N GLU A 19 -4.16 8.57 -3.04
CA GLU A 19 -5.22 8.98 -3.94
C GLU A 19 -5.96 7.74 -4.45
N ASN A 20 -5.27 6.88 -5.20
CA ASN A 20 -5.89 5.72 -5.79
C ASN A 20 -5.78 4.54 -4.85
N THR A 21 -6.43 4.68 -3.69
CA THR A 21 -6.42 3.72 -2.59
C THR A 21 -6.42 2.24 -3.02
N PRO A 22 -7.45 1.70 -3.69
CA PRO A 22 -7.44 0.28 -4.04
C PRO A 22 -6.30 -0.11 -4.97
N ILE A 23 -5.82 0.80 -5.81
CA ILE A 23 -4.66 0.52 -6.65
C ILE A 23 -3.40 0.45 -5.76
N CYS A 24 -3.32 1.32 -4.76
CA CYS A 24 -2.29 1.23 -3.74
C CYS A 24 -2.38 -0.11 -3.04
N GLU A 25 -3.56 -0.48 -2.55
CA GLU A 25 -3.81 -1.76 -1.90
C GLU A 25 -3.33 -2.91 -2.79
N LEU A 26 -3.66 -2.87 -4.08
CA LEU A 26 -3.33 -3.95 -5.00
C LEU A 26 -1.82 -4.05 -5.17
N ALA A 27 -1.18 -2.92 -5.45
CA ALA A 27 0.27 -2.84 -5.59
C ALA A 27 0.97 -3.27 -4.31
N VAL A 28 0.43 -2.92 -3.15
CA VAL A 28 0.96 -3.31 -1.86
C VAL A 28 0.93 -4.83 -1.71
N LYS A 29 -0.22 -5.49 -1.97
CA LYS A 29 -0.25 -6.93 -2.13
C LYS A 29 0.77 -7.42 -3.16
N GLY A 30 0.96 -6.68 -4.25
CA GLY A 30 2.04 -6.90 -5.20
C GLY A 30 3.37 -7.00 -4.47
N SER A 31 3.69 -6.04 -3.62
CA SER A 31 5.03 -5.89 -3.06
C SER A 31 5.25 -6.80 -1.86
N CYS A 32 4.23 -7.12 -1.07
CA CYS A 32 4.39 -7.96 0.11
C CYS A 32 3.19 -8.89 0.22
N PRO A 33 3.40 -10.17 0.58
CA PRO A 33 2.37 -11.18 0.57
C PRO A 33 1.36 -10.91 1.68
N PRO A 34 0.04 -11.01 1.40
CA PRO A 34 -0.99 -10.75 2.38
C PRO A 34 -1.16 -11.97 3.31
N PRO A 35 -1.62 -11.78 4.56
CA PRO A 35 -1.75 -10.50 5.22
C PRO A 35 -0.36 -9.93 5.48
N TRP A 36 -0.27 -8.63 5.78
CA TRP A 36 0.98 -7.90 5.80
C TRP A 36 1.55 -7.90 7.22
N SER A 37 2.83 -7.58 7.35
CA SER A 37 3.49 -7.38 8.62
C SER A 37 2.99 -6.04 9.17
N ASP A 1 5.95 10.35 -3.23
CA ASP A 1 4.51 10.29 -2.95
C ASP A 1 4.22 9.20 -1.92
N ILE A 2 3.12 9.33 -1.20
CA ILE A 2 2.76 8.46 -0.10
C ILE A 2 2.23 7.11 -0.59
N CYS A 3 1.82 7.03 -1.85
CA CYS A 3 1.45 5.75 -2.45
C CYS A 3 2.70 4.89 -2.47
N ASP A 4 3.78 5.44 -3.00
CA ASP A 4 5.10 4.84 -2.95
C ASP A 4 5.46 4.44 -1.53
N ILE A 5 5.28 5.34 -0.57
CA ILE A 5 5.52 5.03 0.84
C ILE A 5 4.75 3.78 1.25
N ALA A 6 3.42 3.81 1.16
CA ALA A 6 2.55 2.71 1.57
C ALA A 6 2.96 1.40 0.92
N ILE A 7 3.25 1.47 -0.37
CA ILE A 7 3.75 0.35 -1.15
C ILE A 7 5.06 -0.13 -0.55
N ALA A 8 6.04 0.75 -0.35
CA ALA A 8 7.35 0.44 0.20
C ALA A 8 7.26 -0.13 1.62
N GLN A 9 6.24 0.31 2.35
CA GLN A 9 5.93 -0.09 3.72
C GLN A 9 5.04 -1.34 3.75
N CYS A 10 4.54 -1.78 2.60
CA CYS A 10 3.49 -2.76 2.50
C CYS A 10 2.43 -2.62 3.58
N SER A 11 1.74 -1.48 3.58
CA SER A 11 0.65 -1.21 4.51
C SER A 11 -0.57 -0.71 3.75
N LEU A 12 -1.69 -1.41 3.90
CA LEU A 12 -2.98 -0.98 3.39
C LEU A 12 -3.49 0.21 4.20
N THR A 13 -3.23 0.28 5.50
CA THR A 13 -3.63 1.45 6.27
C THR A 13 -2.97 2.71 5.73
N LEU A 14 -1.66 2.63 5.47
CA LEU A 14 -0.92 3.74 4.88
C LEU A 14 -1.48 4.06 3.49
N CYS A 15 -2.02 3.06 2.78
CA CYS A 15 -2.59 3.32 1.46
C CYS A 15 -3.76 4.28 1.55
N GLN A 16 -4.44 4.38 2.69
CA GLN A 16 -5.53 5.32 2.86
C GLN A 16 -5.06 6.79 2.89
N ASP A 17 -3.74 7.03 2.84
CA ASP A 17 -3.19 8.35 2.59
C ASP A 17 -2.96 8.61 1.10
N CYS A 18 -2.89 7.54 0.30
CA CYS A 18 -2.78 7.64 -1.15
C CYS A 18 -4.16 7.77 -1.76
N GLU A 19 -4.33 8.75 -2.63
CA GLU A 19 -5.56 9.05 -3.34
C GLU A 19 -6.25 7.76 -3.79
N ASN A 20 -5.64 7.06 -4.75
CA ASN A 20 -6.28 5.95 -5.44
C ASN A 20 -6.07 4.66 -4.67
N THR A 21 -6.52 4.69 -3.40
CA THR A 21 -6.37 3.63 -2.43
C THR A 21 -6.43 2.21 -3.02
N PRO A 22 -7.48 1.74 -3.70
CA PRO A 22 -7.51 0.36 -4.19
C PRO A 22 -6.37 -0.04 -5.13
N ILE A 23 -5.82 0.90 -5.89
CA ILE A 23 -4.67 0.67 -6.74
C ILE A 23 -3.40 0.65 -5.88
N CYS A 24 -3.37 1.49 -4.85
CA CYS A 24 -2.33 1.41 -3.83
C CYS A 24 -2.36 0.05 -3.14
N GLU A 25 -3.55 -0.42 -2.77
CA GLU A 25 -3.80 -1.67 -2.10
C GLU A 25 -3.28 -2.83 -2.94
N LEU A 26 -3.61 -2.80 -4.23
CA LEU A 26 -3.15 -3.79 -5.19
C LEU A 26 -1.63 -3.80 -5.20
N ALA A 27 -1.00 -2.63 -5.35
CA ALA A 27 0.44 -2.52 -5.37
C ALA A 27 1.04 -3.05 -4.07
N VAL A 28 0.43 -2.75 -2.92
CA VAL A 28 0.87 -3.25 -1.63
C VAL A 28 0.86 -4.79 -1.60
N LYS A 29 -0.20 -5.44 -2.11
CA LYS A 29 -0.21 -6.88 -2.37
C LYS A 29 0.91 -7.39 -3.31
N GLY A 30 1.75 -6.50 -3.85
CA GLY A 30 2.91 -6.82 -4.67
C GLY A 30 4.21 -6.27 -4.06
N SER A 31 4.16 -5.66 -2.87
CA SER A 31 5.36 -5.30 -2.13
C SER A 31 5.68 -6.36 -1.10
N CYS A 32 4.65 -6.84 -0.40
CA CYS A 32 4.78 -7.92 0.56
C CYS A 32 3.74 -8.97 0.20
N PRO A 33 4.04 -10.26 0.38
CA PRO A 33 3.05 -11.30 0.29
C PRO A 33 2.03 -11.07 1.43
N PRO A 34 0.72 -11.01 1.15
CA PRO A 34 -0.30 -10.91 2.19
C PRO A 34 -0.27 -12.19 3.05
N PRO A 35 -0.58 -12.15 4.36
CA PRO A 35 -1.15 -11.04 5.10
C PRO A 35 -0.06 -10.08 5.60
N TRP A 36 -0.27 -8.79 5.37
CA TRP A 36 0.71 -7.75 5.65
C TRP A 36 0.83 -7.46 7.14
N SER A 37 2.03 -7.63 7.68
CA SER A 37 2.37 -7.36 9.06
C SER A 37 1.80 -8.47 9.94
N ASP A 1 5.79 9.26 -3.69
CA ASP A 1 4.64 9.91 -3.05
C ASP A 1 4.14 8.98 -1.94
N ILE A 2 3.09 9.34 -1.22
CA ILE A 2 2.52 8.54 -0.14
C ILE A 2 2.06 7.16 -0.63
N CYS A 3 1.51 7.02 -1.84
CA CYS A 3 1.26 5.69 -2.38
C CYS A 3 2.57 4.91 -2.34
N ASP A 4 3.64 5.51 -2.86
CA ASP A 4 4.94 4.86 -2.89
C ASP A 4 5.43 4.56 -1.48
N ILE A 5 5.19 5.48 -0.53
CA ILE A 5 5.50 5.25 0.88
C ILE A 5 4.80 3.98 1.36
N ALA A 6 3.47 3.92 1.21
CA ALA A 6 2.64 2.83 1.67
C ALA A 6 3.09 1.52 1.04
N ILE A 7 3.41 1.57 -0.24
CA ILE A 7 3.96 0.44 -0.98
C ILE A 7 5.30 0.02 -0.37
N ALA A 8 6.20 0.98 -0.13
CA ALA A 8 7.51 0.71 0.44
C ALA A 8 7.37 0.16 1.87
N GLN A 9 6.37 0.65 2.61
CA GLN A 9 6.01 0.20 3.94
C GLN A 9 5.16 -1.08 3.89
N CYS A 10 4.80 -1.51 2.68
CA CYS A 10 3.74 -2.46 2.33
C CYS A 10 2.72 -2.56 3.46
N SER A 11 1.94 -1.51 3.63
CA SER A 11 0.91 -1.38 4.65
C SER A 11 -0.33 -0.85 3.97
N LEU A 12 -1.41 -1.62 4.01
CA LEU A 12 -2.67 -1.21 3.41
C LEU A 12 -3.22 0.03 4.10
N THR A 13 -3.09 0.10 5.42
CA THR A 13 -3.65 1.22 6.15
C THR A 13 -3.15 2.56 5.61
N LEU A 14 -1.85 2.66 5.32
CA LEU A 14 -1.26 3.87 4.82
C LEU A 14 -1.78 4.21 3.42
N CYS A 15 -2.25 3.22 2.65
CA CYS A 15 -2.82 3.47 1.32
C CYS A 15 -3.99 4.44 1.42
N GLN A 16 -4.70 4.44 2.54
CA GLN A 16 -5.85 5.31 2.76
C GLN A 16 -5.49 6.78 2.55
N ASP A 17 -4.24 7.16 2.77
CA ASP A 17 -3.83 8.54 2.57
C ASP A 17 -3.72 8.81 1.07
N CYS A 18 -3.30 7.81 0.31
CA CYS A 18 -3.01 8.00 -1.09
C CYS A 18 -4.31 8.16 -1.87
N GLU A 19 -4.29 9.06 -2.85
CA GLU A 19 -5.31 9.25 -3.87
C GLU A 19 -5.95 7.91 -4.24
N ASN A 20 -5.20 7.01 -4.86
CA ASN A 20 -5.73 5.79 -5.40
C ASN A 20 -5.54 4.64 -4.43
N THR A 21 -6.13 4.79 -3.24
CA THR A 21 -6.12 3.78 -2.19
C THR A 21 -6.16 2.33 -2.72
N PRO A 22 -7.17 1.86 -3.45
CA PRO A 22 -7.22 0.48 -3.93
C PRO A 22 -6.07 0.11 -4.87
N ILE A 23 -5.58 1.03 -5.70
CA ILE A 23 -4.40 0.75 -6.52
C ILE A 23 -3.22 0.50 -5.59
N CYS A 24 -3.07 1.35 -4.57
CA CYS A 24 -2.01 1.17 -3.60
C CYS A 24 -2.17 -0.15 -2.89
N GLU A 25 -3.38 -0.50 -2.47
CA GLU A 25 -3.69 -1.76 -1.83
C GLU A 25 -3.26 -2.94 -2.71
N LEU A 26 -3.53 -2.84 -4.00
CA LEU A 26 -3.14 -3.84 -4.99
C LEU A 26 -1.63 -3.94 -5.05
N ALA A 27 -0.95 -2.81 -5.26
CA ALA A 27 0.50 -2.72 -5.35
C ALA A 27 1.16 -3.25 -4.09
N VAL A 28 0.60 -2.93 -2.92
CA VAL A 28 1.04 -3.41 -1.63
C VAL A 28 0.99 -4.95 -1.62
N LYS A 29 -0.15 -5.55 -1.97
CA LYS A 29 -0.19 -7.01 -2.15
C LYS A 29 0.89 -7.49 -3.13
N GLY A 30 1.07 -6.75 -4.24
CA GLY A 30 2.10 -7.05 -5.21
C GLY A 30 3.49 -7.05 -4.58
N SER A 31 3.73 -6.15 -3.62
CA SER A 31 5.04 -5.91 -3.04
C SER A 31 5.36 -6.88 -1.91
N CYS A 32 4.38 -7.26 -1.08
CA CYS A 32 4.65 -8.05 0.11
C CYS A 32 3.52 -9.05 0.32
N PRO A 33 3.83 -10.22 0.89
CA PRO A 33 2.86 -11.29 1.02
C PRO A 33 1.74 -10.88 1.98
N PRO A 34 0.47 -11.01 1.58
CA PRO A 34 -0.62 -10.95 2.53
C PRO A 34 -0.60 -12.26 3.35
N PRO A 35 -1.03 -12.26 4.61
CA PRO A 35 -1.40 -11.09 5.39
C PRO A 35 -0.15 -10.32 5.81
N TRP A 36 -0.23 -9.00 5.75
CA TRP A 36 0.81 -8.06 6.15
C TRP A 36 0.76 -7.93 7.68
N SER A 37 0.79 -9.07 8.38
CA SER A 37 0.31 -9.17 9.75
C SER A 37 -1.11 -8.61 9.83
N ASP A 1 5.94 9.49 -3.95
CA ASP A 1 5.10 10.05 -2.87
C ASP A 1 4.62 8.96 -1.91
N ILE A 2 3.72 9.32 -1.01
CA ILE A 2 3.15 8.44 0.01
C ILE A 2 2.64 7.12 -0.53
N CYS A 3 2.16 7.07 -1.78
CA CYS A 3 1.74 5.81 -2.35
C CYS A 3 2.92 4.84 -2.38
N ASP A 4 4.07 5.33 -2.86
CA ASP A 4 5.33 4.59 -2.90
C ASP A 4 5.68 4.14 -1.48
N ILE A 5 5.55 5.07 -0.53
CA ILE A 5 5.81 4.81 0.88
C ILE A 5 4.96 3.63 1.34
N ALA A 6 3.63 3.76 1.30
CA ALA A 6 2.69 2.73 1.73
C ALA A 6 3.04 1.39 1.08
N ILE A 7 3.27 1.41 -0.24
CA ILE A 7 3.70 0.25 -0.99
C ILE A 7 4.96 -0.37 -0.37
N ALA A 8 5.99 0.47 -0.15
CA ALA A 8 7.27 0.04 0.39
C ALA A 8 7.14 -0.43 1.83
N GLN A 9 6.20 0.15 2.56
CA GLN A 9 5.98 -0.08 3.97
C GLN A 9 5.12 -1.32 4.19
N CYS A 10 4.36 -1.73 3.19
CA CYS A 10 3.37 -2.77 3.33
C CYS A 10 2.38 -2.38 4.43
N SER A 11 1.50 -1.46 4.08
CA SER A 11 0.40 -1.03 4.90
C SER A 11 -0.77 -0.69 3.98
N LEU A 12 -1.81 -1.51 3.98
CA LEU A 12 -3.05 -1.15 3.32
C LEU A 12 -3.61 0.08 4.03
N THR A 13 -3.52 0.16 5.36
CA THR A 13 -4.01 1.32 6.08
C THR A 13 -3.38 2.62 5.59
N LEU A 14 -2.06 2.65 5.40
CA LEU A 14 -1.43 3.90 4.96
C LEU A 14 -1.85 4.24 3.52
N CYS A 15 -2.31 3.25 2.74
CA CYS A 15 -2.77 3.52 1.39
C CYS A 15 -3.90 4.56 1.37
N GLN A 16 -4.68 4.72 2.45
CA GLN A 16 -5.65 5.79 2.50
C GLN A 16 -5.10 7.21 2.25
N ASP A 17 -3.80 7.45 2.47
CA ASP A 17 -3.24 8.75 2.12
C ASP A 17 -3.08 8.87 0.61
N CYS A 18 -2.84 7.73 -0.07
CA CYS A 18 -2.74 7.69 -1.51
C CYS A 18 -4.14 7.73 -2.13
N GLU A 19 -4.36 8.68 -3.04
CA GLU A 19 -5.63 8.95 -3.73
C GLU A 19 -6.41 7.67 -3.99
N ASN A 20 -5.84 6.81 -4.81
CA ASN A 20 -6.46 5.59 -5.28
C ASN A 20 -6.04 4.44 -4.37
N THR A 21 -6.51 4.52 -3.13
CA THR A 21 -6.36 3.50 -2.10
C THR A 21 -6.39 2.07 -2.64
N PRO A 22 -7.45 1.55 -3.28
CA PRO A 22 -7.47 0.17 -3.76
C PRO A 22 -6.30 -0.19 -4.69
N ILE A 23 -5.94 0.69 -5.63
CA ILE A 23 -4.81 0.41 -6.51
C ILE A 23 -3.52 0.38 -5.68
N CYS A 24 -3.42 1.27 -4.69
CA CYS A 24 -2.31 1.25 -3.75
C CYS A 24 -2.31 -0.03 -2.92
N GLU A 25 -3.49 -0.50 -2.51
CA GLU A 25 -3.65 -1.71 -1.71
C GLU A 25 -3.16 -2.90 -2.53
N LEU A 26 -3.61 -2.97 -3.78
CA LEU A 26 -3.13 -3.93 -4.76
C LEU A 26 -1.62 -3.83 -4.89
N ALA A 27 -1.09 -2.61 -5.04
CA ALA A 27 0.32 -2.38 -5.21
C ALA A 27 1.10 -2.86 -3.98
N VAL A 28 0.58 -2.63 -2.77
CA VAL A 28 1.13 -3.19 -1.55
C VAL A 28 1.25 -4.70 -1.74
N LYS A 29 0.15 -5.42 -1.99
CA LYS A 29 0.24 -6.87 -2.18
C LYS A 29 1.22 -7.26 -3.28
N GLY A 30 1.29 -6.45 -4.33
CA GLY A 30 2.24 -6.64 -5.42
C GLY A 30 3.67 -6.57 -4.89
N SER A 31 3.95 -5.61 -4.02
CA SER A 31 5.30 -5.28 -3.61
C SER A 31 5.74 -6.20 -2.49
N CYS A 32 5.03 -6.16 -1.38
CA CYS A 32 5.27 -7.00 -0.24
C CYS A 32 4.26 -8.13 -0.32
N PRO A 33 4.65 -9.39 -0.16
CA PRO A 33 3.67 -10.44 -0.07
C PRO A 33 2.76 -10.17 1.14
N PRO A 34 1.50 -10.61 1.09
CA PRO A 34 0.69 -10.70 2.30
C PRO A 34 1.34 -11.80 3.15
N PRO A 35 1.20 -11.79 4.48
CA PRO A 35 0.45 -10.85 5.27
C PRO A 35 1.33 -9.63 5.59
N TRP A 36 0.70 -8.55 6.06
CA TRP A 36 1.37 -7.27 6.19
C TRP A 36 1.70 -6.97 7.65
N SER A 37 2.97 -6.66 7.92
CA SER A 37 3.45 -6.14 9.18
C SER A 37 3.23 -4.62 9.19
N ASP A 1 5.94 10.62 -3.04
CA ASP A 1 4.47 10.49 -3.02
C ASP A 1 4.07 9.37 -2.08
N ILE A 2 2.93 9.51 -1.42
CA ILE A 2 2.56 8.67 -0.30
C ILE A 2 2.13 7.29 -0.77
N CYS A 3 1.67 7.15 -2.02
CA CYS A 3 1.48 5.81 -2.57
C CYS A 3 2.80 5.05 -2.51
N ASP A 4 3.86 5.70 -3.00
CA ASP A 4 5.19 5.11 -3.01
C ASP A 4 5.64 4.78 -1.59
N ILE A 5 5.39 5.68 -0.64
CA ILE A 5 5.61 5.45 0.78
C ILE A 5 4.87 4.17 1.22
N ALA A 6 3.55 4.13 1.06
CA ALA A 6 2.71 3.05 1.53
C ALA A 6 3.19 1.71 0.98
N ILE A 7 3.65 1.69 -0.28
CA ILE A 7 4.24 0.50 -0.86
C ILE A 7 5.55 0.14 -0.16
N ALA A 8 6.44 1.11 0.09
CA ALA A 8 7.68 0.87 0.82
C ALA A 8 7.38 0.27 2.21
N GLN A 9 6.32 0.77 2.83
CA GLN A 9 5.81 0.38 4.14
C GLN A 9 5.01 -0.92 4.07
N CYS A 10 4.60 -1.30 2.86
CA CYS A 10 3.57 -2.27 2.46
C CYS A 10 2.61 -2.54 3.60
N SER A 11 1.83 -1.52 3.96
CA SER A 11 0.81 -1.58 4.99
C SER A 11 -0.46 -0.99 4.36
N LEU A 12 -1.52 -1.78 4.27
CA LEU A 12 -2.71 -1.38 3.53
C LEU A 12 -3.35 -0.16 4.17
N THR A 13 -3.28 -0.04 5.50
CA THR A 13 -3.73 1.17 6.16
C THR A 13 -3.15 2.42 5.54
N LEU A 14 -1.84 2.46 5.32
CA LEU A 14 -1.17 3.66 4.93
C LEU A 14 -1.53 4.01 3.47
N CYS A 15 -2.06 3.05 2.71
CA CYS A 15 -2.55 3.34 1.36
C CYS A 15 -3.70 4.35 1.43
N GLN A 16 -4.48 4.36 2.52
CA GLN A 16 -5.60 5.29 2.62
C GLN A 16 -5.15 6.75 2.56
N ASP A 17 -3.89 7.05 2.86
CA ASP A 17 -3.38 8.41 2.75
C ASP A 17 -3.20 8.80 1.29
N CYS A 18 -2.95 7.82 0.42
CA CYS A 18 -2.71 8.08 -1.00
C CYS A 18 -4.02 8.39 -1.71
N GLU A 19 -3.95 9.08 -2.85
CA GLU A 19 -5.02 9.21 -3.82
C GLU A 19 -5.88 7.95 -3.91
N ASN A 20 -5.25 6.87 -4.35
CA ASN A 20 -5.95 5.74 -4.92
C ASN A 20 -5.88 4.51 -4.04
N THR A 21 -6.84 4.35 -3.12
CA THR A 21 -6.87 3.20 -2.25
C THR A 21 -6.68 1.88 -3.01
N PRO A 22 -7.53 1.48 -3.95
CA PRO A 22 -7.42 0.13 -4.51
C PRO A 22 -6.18 -0.08 -5.36
N ILE A 23 -5.79 0.88 -6.20
CA ILE A 23 -4.56 0.77 -6.97
C ILE A 23 -3.39 0.54 -6.00
N CYS A 24 -3.37 1.32 -4.92
CA CYS A 24 -2.31 1.26 -3.92
C CYS A 24 -2.37 -0.05 -3.15
N GLU A 25 -3.57 -0.48 -2.75
CA GLU A 25 -3.81 -1.75 -2.09
C GLU A 25 -3.18 -2.85 -2.95
N LEU A 26 -3.57 -2.86 -4.22
CA LEU A 26 -3.12 -3.84 -5.19
C LEU A 26 -1.59 -3.86 -5.23
N ALA A 27 -0.96 -2.68 -5.29
CA ALA A 27 0.49 -2.58 -5.25
C ALA A 27 1.04 -3.20 -3.96
N VAL A 28 0.55 -2.79 -2.79
CA VAL A 28 0.99 -3.32 -1.51
C VAL A 28 0.92 -4.86 -1.51
N LYS A 29 -0.21 -5.42 -1.95
CA LYS A 29 -0.39 -6.85 -2.06
C LYS A 29 0.67 -7.43 -3.00
N GLY A 30 0.87 -6.77 -4.13
CA GLY A 30 1.85 -7.13 -5.14
C GLY A 30 3.27 -7.17 -4.56
N SER A 31 3.60 -6.26 -3.65
CA SER A 31 4.95 -6.08 -3.16
C SER A 31 5.28 -7.07 -2.05
N CYS A 32 4.43 -7.18 -1.03
CA CYS A 32 4.75 -7.90 0.20
C CYS A 32 3.76 -9.05 0.40
N PRO A 33 4.13 -10.13 1.11
CA PRO A 33 3.23 -11.24 1.35
C PRO A 33 2.22 -10.85 2.44
N PRO A 34 1.08 -11.54 2.56
CA PRO A 34 0.13 -11.31 3.63
C PRO A 34 0.76 -11.70 4.98
N PRO A 35 0.28 -11.15 6.11
CA PRO A 35 -0.63 -10.02 6.21
C PRO A 35 0.13 -8.73 5.90
N TRP A 36 -0.58 -7.61 5.80
CA TRP A 36 0.00 -6.28 5.62
C TRP A 36 -0.35 -5.45 6.84
N SER A 37 0.32 -5.75 7.95
CA SER A 37 0.05 -5.21 9.26
C SER A 37 0.55 -3.76 9.32
N ASP A 1 5.90 10.13 -3.29
CA ASP A 1 4.52 10.27 -2.81
C ASP A 1 4.15 9.18 -1.83
N ILE A 2 3.08 9.44 -1.09
CA ILE A 2 2.59 8.59 -0.01
C ILE A 2 2.21 7.22 -0.55
N CYS A 3 1.77 7.11 -1.81
CA CYS A 3 1.55 5.79 -2.38
C CYS A 3 2.85 4.99 -2.31
N ASP A 4 3.96 5.59 -2.76
CA ASP A 4 5.22 4.86 -2.75
C ASP A 4 5.69 4.62 -1.33
N ILE A 5 5.39 5.55 -0.41
CA ILE A 5 5.60 5.31 1.02
C ILE A 5 4.86 4.03 1.42
N ALA A 6 3.54 4.01 1.32
CA ALA A 6 2.70 2.89 1.71
C ALA A 6 3.18 1.59 1.07
N ILE A 7 3.63 1.65 -0.18
CA ILE A 7 4.11 0.48 -0.91
C ILE A 7 5.51 0.07 -0.44
N ALA A 8 6.34 1.01 0.02
CA ALA A 8 7.61 0.73 0.68
C ALA A 8 7.36 0.07 2.04
N GLN A 9 6.37 0.61 2.76
CA GLN A 9 5.90 0.13 4.05
C GLN A 9 5.08 -1.17 3.89
N CYS A 10 4.71 -1.48 2.64
CA CYS A 10 3.66 -2.38 2.22
C CYS A 10 2.58 -2.44 3.30
N SER A 11 1.87 -1.32 3.47
CA SER A 11 0.88 -1.07 4.49
C SER A 11 -0.46 -0.74 3.82
N LEU A 12 -1.47 -1.61 3.99
CA LEU A 12 -2.80 -1.31 3.50
C LEU A 12 -3.44 -0.17 4.28
N THR A 13 -3.07 0.04 5.55
CA THR A 13 -3.53 1.21 6.27
C THR A 13 -2.99 2.48 5.63
N LEU A 14 -1.68 2.65 5.55
CA LEU A 14 -1.12 3.90 5.10
C LEU A 14 -1.51 4.16 3.64
N CYS A 15 -1.93 3.12 2.90
CA CYS A 15 -2.45 3.31 1.56
C CYS A 15 -3.62 4.27 1.53
N GLN A 16 -4.41 4.35 2.61
CA GLN A 16 -5.55 5.24 2.75
C GLN A 16 -5.20 6.68 2.33
N ASP A 17 -4.00 7.17 2.69
CA ASP A 17 -3.64 8.55 2.38
C ASP A 17 -3.34 8.72 0.90
N CYS A 18 -3.08 7.65 0.15
CA CYS A 18 -2.71 7.81 -1.24
C CYS A 18 -3.94 8.21 -2.06
N GLU A 19 -3.73 8.83 -3.22
CA GLU A 19 -4.74 9.14 -4.21
C GLU A 19 -5.84 8.07 -4.28
N ASN A 20 -5.43 6.82 -4.54
CA ASN A 20 -6.28 5.77 -5.04
C ASN A 20 -6.20 4.51 -4.18
N THR A 21 -7.19 4.25 -3.33
CA THR A 21 -7.08 3.18 -2.36
C THR A 21 -6.80 1.82 -3.00
N PRO A 22 -7.73 1.20 -3.76
CA PRO A 22 -7.50 -0.15 -4.25
C PRO A 22 -6.27 -0.29 -5.15
N ILE A 23 -5.92 0.73 -5.93
CA ILE A 23 -4.70 0.68 -6.74
C ILE A 23 -3.48 0.65 -5.81
N CYS A 24 -3.52 1.44 -4.74
CA CYS A 24 -2.45 1.42 -3.75
C CYS A 24 -2.40 0.07 -3.06
N GLU A 25 -3.56 -0.43 -2.62
CA GLU A 25 -3.70 -1.72 -1.96
C GLU A 25 -3.14 -2.81 -2.87
N LEU A 26 -3.49 -2.77 -4.15
CA LEU A 26 -3.03 -3.71 -5.14
C LEU A 26 -1.51 -3.73 -5.19
N ALA A 27 -0.88 -2.56 -5.23
CA ALA A 27 0.57 -2.49 -5.24
C ALA A 27 1.14 -3.06 -3.94
N VAL A 28 0.59 -2.69 -2.78
CA VAL A 28 0.99 -3.25 -1.51
C VAL A 28 0.96 -4.79 -1.54
N LYS A 29 -0.16 -5.36 -1.98
CA LYS A 29 -0.30 -6.79 -2.15
C LYS A 29 0.77 -7.31 -3.11
N GLY A 30 1.00 -6.62 -4.22
CA GLY A 30 2.08 -6.92 -5.14
C GLY A 30 3.45 -6.91 -4.46
N SER A 31 3.63 -6.03 -3.49
CA SER A 31 4.93 -5.70 -2.92
C SER A 31 5.28 -6.72 -1.83
N CYS A 32 4.29 -7.20 -1.06
CA CYS A 32 4.53 -8.06 0.10
C CYS A 32 3.36 -9.03 0.24
N PRO A 33 3.52 -10.23 0.81
CA PRO A 33 2.40 -11.13 1.09
C PRO A 33 1.63 -10.67 2.34
N PRO A 34 0.38 -11.12 2.52
CA PRO A 34 -0.41 -10.80 3.71
C PRO A 34 0.24 -11.40 4.97
N PRO A 35 0.12 -10.75 6.15
CA PRO A 35 -0.56 -9.48 6.38
C PRO A 35 0.34 -8.31 5.95
N TRP A 36 -0.19 -7.10 6.06
CA TRP A 36 0.47 -5.85 5.73
C TRP A 36 0.32 -4.91 6.92
N SER A 37 1.12 -5.10 7.95
CA SER A 37 1.09 -4.29 9.15
C SER A 37 2.50 -4.23 9.72
N ASP A 1 5.71 9.18 -3.91
CA ASP A 1 4.67 9.97 -3.23
C ASP A 1 4.15 9.08 -2.10
N ILE A 2 3.07 9.44 -1.40
CA ILE A 2 2.60 8.65 -0.28
C ILE A 2 2.11 7.27 -0.73
N CYS A 3 1.63 7.11 -1.96
CA CYS A 3 1.36 5.78 -2.50
C CYS A 3 2.65 4.97 -2.45
N ASP A 4 3.74 5.55 -2.97
CA ASP A 4 5.02 4.88 -2.97
C ASP A 4 5.45 4.54 -1.55
N ILE A 5 5.29 5.50 -0.63
CA ILE A 5 5.55 5.29 0.79
C ILE A 5 4.81 4.04 1.27
N ALA A 6 3.48 4.03 1.14
CA ALA A 6 2.64 2.93 1.58
C ALA A 6 3.07 1.62 0.95
N ILE A 7 3.50 1.63 -0.31
CA ILE A 7 3.98 0.45 -1.00
C ILE A 7 5.34 0.00 -0.46
N ALA A 8 6.23 0.95 -0.16
CA ALA A 8 7.53 0.67 0.42
C ALA A 8 7.33 0.03 1.80
N GLN A 9 6.39 0.60 2.56
CA GLN A 9 6.00 0.17 3.88
C GLN A 9 5.19 -1.12 3.81
N CYS A 10 4.61 -1.36 2.63
CA CYS A 10 3.63 -2.35 2.26
C CYS A 10 2.55 -2.36 3.33
N SER A 11 1.78 -1.29 3.38
CA SER A 11 0.76 -1.02 4.38
C SER A 11 -0.54 -0.65 3.68
N LEU A 12 -1.55 -1.52 3.79
CA LEU A 12 -2.88 -1.21 3.27
C LEU A 12 -3.45 -0.03 4.03
N THR A 13 -3.24 0.05 5.34
CA THR A 13 -3.72 1.18 6.09
C THR A 13 -3.07 2.47 5.58
N LEU A 14 -1.75 2.48 5.39
CA LEU A 14 -1.10 3.69 4.89
C LEU A 14 -1.58 4.01 3.47
N CYS A 15 -2.04 3.02 2.70
CA CYS A 15 -2.58 3.31 1.36
C CYS A 15 -3.76 4.26 1.46
N GLN A 16 -4.50 4.24 2.57
CA GLN A 16 -5.64 5.12 2.75
C GLN A 16 -5.23 6.60 2.73
N ASP A 17 -3.95 6.93 2.89
CA ASP A 17 -3.49 8.30 2.77
C ASP A 17 -3.47 8.73 1.30
N CYS A 18 -3.21 7.80 0.39
CA CYS A 18 -2.88 8.14 -0.99
C CYS A 18 -4.13 8.57 -1.77
N GLU A 19 -3.92 9.25 -2.91
CA GLU A 19 -4.92 9.61 -3.91
C GLU A 19 -6.00 8.54 -3.99
N ASN A 20 -5.60 7.29 -4.22
CA ASN A 20 -6.43 6.13 -4.28
C ASN A 20 -6.07 5.17 -3.17
N THR A 21 -7.05 4.37 -2.76
CA THR A 21 -6.84 3.14 -2.04
C THR A 21 -6.47 1.99 -2.99
N PRO A 22 -7.36 1.52 -3.89
CA PRO A 22 -7.23 0.20 -4.49
C PRO A 22 -6.00 -0.05 -5.37
N ILE A 23 -5.52 0.93 -6.12
CA ILE A 23 -4.31 0.71 -6.92
C ILE A 23 -3.15 0.49 -5.95
N CYS A 24 -3.11 1.32 -4.90
CA CYS A 24 -2.10 1.24 -3.87
C CYS A 24 -2.21 -0.10 -3.14
N GLU A 25 -3.42 -0.50 -2.76
CA GLU A 25 -3.69 -1.81 -2.18
C GLU A 25 -3.07 -2.90 -3.06
N LEU A 26 -3.39 -2.86 -4.35
CA LEU A 26 -2.95 -3.88 -5.29
C LEU A 26 -1.43 -3.98 -5.27
N ALA A 27 -0.77 -2.83 -5.37
CA ALA A 27 0.68 -2.77 -5.30
C ALA A 27 1.20 -3.30 -3.96
N VAL A 28 0.57 -2.93 -2.84
CA VAL A 28 0.95 -3.45 -1.53
C VAL A 28 0.87 -4.98 -1.52
N LYS A 29 -0.23 -5.56 -1.98
CA LYS A 29 -0.35 -6.99 -2.13
C LYS A 29 0.79 -7.54 -3.00
N GLY A 30 1.11 -6.86 -4.10
CA GLY A 30 2.27 -7.15 -4.94
C GLY A 30 3.57 -7.15 -4.13
N SER A 31 3.69 -6.23 -3.18
CA SER A 31 4.96 -5.84 -2.59
C SER A 31 5.32 -6.83 -1.49
N CYS A 32 4.40 -7.10 -0.56
CA CYS A 32 4.64 -7.93 0.62
C CYS A 32 3.49 -8.91 0.79
N PRO A 33 3.69 -10.06 1.45
CA PRO A 33 2.63 -11.02 1.66
C PRO A 33 1.68 -10.56 2.78
N PRO A 34 0.44 -11.06 2.78
CA PRO A 34 -0.49 -10.86 3.89
C PRO A 34 -0.07 -11.70 5.11
N PRO A 35 -0.27 -11.22 6.34
CA PRO A 35 -0.87 -9.95 6.68
C PRO A 35 0.14 -8.79 6.57
N TRP A 36 -0.33 -7.61 6.21
CA TRP A 36 0.48 -6.42 6.08
C TRP A 36 0.64 -5.75 7.43
N SER A 37 1.18 -6.49 8.41
CA SER A 37 1.46 -6.03 9.75
C SER A 37 0.16 -5.73 10.51
N ASP A 1 6.00 9.84 -3.39
CA ASP A 1 4.79 10.35 -2.73
C ASP A 1 4.37 9.31 -1.69
N ILE A 2 3.36 9.61 -0.89
CA ILE A 2 2.85 8.71 0.15
C ILE A 2 2.42 7.37 -0.41
N CYS A 3 1.96 7.29 -1.67
CA CYS A 3 1.61 6.01 -2.26
C CYS A 3 2.86 5.16 -2.36
N ASP A 4 3.99 5.76 -2.78
CA ASP A 4 5.26 5.06 -2.76
C ASP A 4 5.60 4.63 -1.34
N ILE A 5 5.39 5.52 -0.37
CA ILE A 5 5.66 5.24 1.03
C ILE A 5 4.89 3.98 1.45
N ALA A 6 3.57 3.99 1.33
CA ALA A 6 2.72 2.85 1.67
C ALA A 6 3.18 1.59 0.93
N ILE A 7 3.57 1.72 -0.33
CA ILE A 7 4.06 0.59 -1.10
C ILE A 7 5.36 0.04 -0.51
N ALA A 8 6.30 0.92 -0.19
CA ALA A 8 7.55 0.54 0.45
C ALA A 8 7.23 -0.17 1.76
N GLN A 9 6.36 0.45 2.55
CA GLN A 9 6.00 0.04 3.89
C GLN A 9 5.11 -1.20 3.88
N CYS A 10 4.50 -1.47 2.73
CA CYS A 10 3.49 -2.48 2.46
C CYS A 10 2.50 -2.49 3.62
N SER A 11 1.61 -1.50 3.62
CA SER A 11 0.63 -1.24 4.65
C SER A 11 -0.65 -0.77 3.96
N LEU A 12 -1.76 -1.47 4.17
CA LEU A 12 -3.04 -1.05 3.63
C LEU A 12 -3.55 0.18 4.38
N THR A 13 -3.28 0.30 5.68
CA THR A 13 -3.65 1.53 6.39
C THR A 13 -3.01 2.74 5.71
N LEU A 14 -1.71 2.69 5.48
CA LEU A 14 -1.01 3.83 4.89
C LEU A 14 -1.54 4.09 3.47
N CYS A 15 -2.05 3.06 2.80
CA CYS A 15 -2.59 3.23 1.44
C CYS A 15 -3.78 4.17 1.45
N GLN A 16 -4.49 4.31 2.56
CA GLN A 16 -5.64 5.19 2.64
C GLN A 16 -5.26 6.66 2.40
N ASP A 17 -4.00 7.01 2.60
CA ASP A 17 -3.50 8.34 2.28
C ASP A 17 -3.36 8.52 0.78
N CYS A 18 -3.07 7.44 0.05
CA CYS A 18 -2.84 7.51 -1.39
C CYS A 18 -4.17 7.70 -2.11
N GLU A 19 -4.21 8.68 -3.02
CA GLU A 19 -5.36 9.03 -3.84
C GLU A 19 -6.16 7.79 -4.19
N ASN A 20 -5.57 6.90 -4.99
CA ASN A 20 -6.18 5.67 -5.39
C ASN A 20 -5.84 4.58 -4.38
N THR A 21 -6.43 4.66 -3.19
CA THR A 21 -6.33 3.66 -2.15
C THR A 21 -6.36 2.22 -2.70
N PRO A 22 -7.42 1.71 -3.34
CA PRO A 22 -7.45 0.32 -3.81
C PRO A 22 -6.34 -0.01 -4.81
N ILE A 23 -5.91 0.95 -5.63
CA ILE A 23 -4.77 0.72 -6.51
C ILE A 23 -3.53 0.50 -5.65
N CYS A 24 -3.36 1.36 -4.64
CA CYS A 24 -2.25 1.24 -3.71
C CYS A 24 -2.30 -0.11 -3.00
N GLU A 25 -3.49 -0.54 -2.59
CA GLU A 25 -3.73 -1.83 -1.98
C GLU A 25 -3.31 -2.96 -2.93
N LEU A 26 -3.68 -2.86 -4.20
CA LEU A 26 -3.26 -3.80 -5.23
C LEU A 26 -1.74 -3.84 -5.32
N ALA A 27 -1.11 -2.67 -5.47
CA ALA A 27 0.33 -2.56 -5.55
C ALA A 27 0.96 -3.23 -4.33
N VAL A 28 0.49 -2.89 -3.13
CA VAL A 28 0.98 -3.42 -1.87
C VAL A 28 0.88 -4.95 -1.83
N LYS A 29 -0.25 -5.54 -2.26
CA LYS A 29 -0.33 -6.98 -2.38
C LYS A 29 0.80 -7.56 -3.25
N GLY A 30 1.35 -6.78 -4.17
CA GLY A 30 2.46 -7.21 -5.02
C GLY A 30 3.83 -6.82 -4.44
N SER A 31 3.86 -6.04 -3.36
CA SER A 31 5.09 -5.52 -2.77
C SER A 31 5.49 -6.29 -1.52
N CYS A 32 4.54 -6.97 -0.87
CA CYS A 32 4.78 -7.84 0.28
C CYS A 32 3.70 -8.90 0.23
N PRO A 33 3.99 -10.15 0.60
CA PRO A 33 3.01 -11.21 0.57
C PRO A 33 1.88 -10.86 1.56
N PRO A 34 0.63 -10.76 1.09
CA PRO A 34 -0.50 -10.72 2.00
C PRO A 34 -0.48 -12.04 2.79
N PRO A 35 -0.91 -12.07 4.05
CA PRO A 35 -1.44 -10.95 4.82
C PRO A 35 -0.32 -10.03 5.34
N TRP A 36 -0.62 -8.74 5.45
CA TRP A 36 0.33 -7.74 5.92
C TRP A 36 0.33 -7.73 7.44
N SER A 37 0.82 -8.82 8.01
CA SER A 37 0.94 -9.02 9.44
C SER A 37 -0.43 -9.37 10.01
N ASP A 1 4.99 10.36 -3.81
CA ASP A 1 4.04 10.72 -2.75
C ASP A 1 3.99 9.58 -1.73
N ILE A 2 2.92 9.55 -0.93
CA ILE A 2 2.55 8.52 0.04
C ILE A 2 2.27 7.18 -0.62
N CYS A 3 1.63 7.09 -1.79
CA CYS A 3 1.41 5.79 -2.42
C CYS A 3 2.69 4.98 -2.41
N ASP A 4 3.77 5.61 -2.84
CA ASP A 4 5.06 4.94 -2.92
C ASP A 4 5.55 4.52 -1.54
N ILE A 5 5.25 5.32 -0.52
CA ILE A 5 5.56 5.05 0.87
C ILE A 5 4.81 3.79 1.31
N ALA A 6 3.48 3.82 1.20
CA ALA A 6 2.60 2.74 1.60
C ALA A 6 3.01 1.44 0.92
N ILE A 7 3.37 1.54 -0.36
CA ILE A 7 3.87 0.43 -1.15
C ILE A 7 5.20 -0.06 -0.59
N ALA A 8 6.17 0.84 -0.38
CA ALA A 8 7.46 0.48 0.21
C ALA A 8 7.24 -0.25 1.54
N GLN A 9 6.32 0.27 2.33
CA GLN A 9 5.98 -0.18 3.66
C GLN A 9 5.19 -1.48 3.61
N CYS A 10 4.55 -1.80 2.48
CA CYS A 10 3.48 -2.77 2.43
C CYS A 10 2.46 -2.57 3.55
N SER A 11 1.82 -1.41 3.53
CA SER A 11 0.91 -0.94 4.57
C SER A 11 -0.40 -0.47 3.94
N LEU A 12 -1.42 -1.32 4.00
CA LEU A 12 -2.72 -1.01 3.45
C LEU A 12 -3.36 0.17 4.17
N THR A 13 -3.14 0.30 5.47
CA THR A 13 -3.70 1.43 6.20
C THR A 13 -3.12 2.73 5.64
N LEU A 14 -1.79 2.81 5.52
CA LEU A 14 -1.15 3.98 4.96
C LEU A 14 -1.63 4.21 3.53
N CYS A 15 -2.00 3.15 2.80
CA CYS A 15 -2.51 3.31 1.44
C CYS A 15 -3.76 4.18 1.40
N GLN A 16 -4.54 4.25 2.49
CA GLN A 16 -5.70 5.12 2.50
C GLN A 16 -5.31 6.60 2.42
N ASP A 17 -4.10 6.95 2.81
CA ASP A 17 -3.63 8.32 2.62
C ASP A 17 -3.32 8.55 1.15
N CYS A 18 -3.01 7.49 0.40
CA CYS A 18 -2.82 7.62 -1.02
C CYS A 18 -4.18 7.79 -1.69
N GLU A 19 -4.25 8.77 -2.59
CA GLU A 19 -5.37 9.06 -3.46
C GLU A 19 -6.10 7.79 -3.88
N ASN A 20 -5.45 7.01 -4.74
CA ASN A 20 -6.05 5.91 -5.46
C ASN A 20 -5.87 4.64 -4.62
N THR A 21 -6.51 4.66 -3.45
CA THR A 21 -6.39 3.64 -2.43
C THR A 21 -6.35 2.21 -2.99
N PRO A 22 -7.39 1.63 -3.61
CA PRO A 22 -7.33 0.22 -4.00
C PRO A 22 -6.21 -0.09 -5.02
N ILE A 23 -5.80 0.86 -5.85
CA ILE A 23 -4.61 0.65 -6.67
C ILE A 23 -3.39 0.54 -5.75
N CYS A 24 -3.29 1.44 -4.78
CA CYS A 24 -2.22 1.42 -3.79
C CYS A 24 -2.22 0.07 -3.06
N GLU A 25 -3.40 -0.38 -2.63
CA GLU A 25 -3.60 -1.66 -1.99
C GLU A 25 -3.08 -2.80 -2.87
N LEU A 26 -3.44 -2.79 -4.14
CA LEU A 26 -2.98 -3.78 -5.10
C LEU A 26 -1.45 -3.78 -5.12
N ALA A 27 -0.85 -2.61 -5.30
CA ALA A 27 0.59 -2.47 -5.31
C ALA A 27 1.19 -3.01 -4.00
N VAL A 28 0.56 -2.73 -2.86
CA VAL A 28 0.98 -3.24 -1.57
C VAL A 28 0.99 -4.76 -1.56
N LYS A 29 -0.11 -5.43 -1.96
CA LYS A 29 -0.11 -6.89 -2.16
C LYS A 29 1.09 -7.31 -3.03
N GLY A 30 1.30 -6.61 -4.14
CA GLY A 30 2.44 -6.85 -5.02
C GLY A 30 3.77 -6.73 -4.28
N SER A 31 3.84 -5.89 -3.25
CA SER A 31 5.06 -5.63 -2.52
C SER A 31 5.25 -6.72 -1.47
N CYS A 32 4.40 -6.79 -0.45
CA CYS A 32 4.41 -7.88 0.52
C CYS A 32 3.14 -8.69 0.28
N PRO A 33 3.21 -10.02 0.24
CA PRO A 33 2.02 -10.86 0.12
C PRO A 33 1.13 -10.66 1.34
N PRO A 34 -0.17 -10.93 1.23
CA PRO A 34 -1.05 -11.00 2.39
C PRO A 34 -0.67 -12.25 3.19
N PRO A 35 -0.85 -12.28 4.52
CA PRO A 35 -1.32 -11.18 5.34
C PRO A 35 -0.18 -10.18 5.59
N TRP A 36 -0.51 -8.94 5.93
CA TRP A 36 0.45 -7.89 6.29
C TRP A 36 0.38 -7.67 7.80
N SER A 37 1.52 -7.52 8.46
CA SER A 37 1.62 -7.25 9.88
C SER A 37 2.98 -6.62 10.14
N ASP A 1 6.05 10.08 -3.10
CA ASP A 1 4.98 10.57 -2.21
C ASP A 1 4.50 9.44 -1.31
N ILE A 2 3.50 9.70 -0.48
CA ILE A 2 2.93 8.70 0.41
C ILE A 2 2.47 7.45 -0.33
N CYS A 3 2.00 7.56 -1.57
CA CYS A 3 1.55 6.39 -2.30
C CYS A 3 2.71 5.45 -2.58
N ASP A 4 3.90 6.00 -2.81
CA ASP A 4 5.12 5.22 -2.89
C ASP A 4 5.50 4.69 -1.51
N ILE A 5 5.40 5.54 -0.48
CA ILE A 5 5.68 5.13 0.90
C ILE A 5 4.86 3.90 1.25
N ALA A 6 3.55 3.95 1.12
CA ALA A 6 2.61 2.91 1.50
C ALA A 6 3.01 1.59 0.86
N ILE A 7 3.41 1.63 -0.40
CA ILE A 7 3.93 0.48 -1.11
C ILE A 7 5.20 -0.03 -0.43
N ALA A 8 6.21 0.82 -0.27
CA ALA A 8 7.46 0.42 0.35
C ALA A 8 7.22 -0.20 1.72
N GLN A 9 6.33 0.43 2.49
CA GLN A 9 5.99 0.08 3.86
C GLN A 9 4.97 -1.07 3.89
N CYS A 10 4.47 -1.52 2.74
CA CYS A 10 3.45 -2.55 2.64
C CYS A 10 2.41 -2.51 3.76
N SER A 11 1.69 -1.40 3.83
CA SER A 11 0.69 -1.13 4.85
C SER A 11 -0.57 -0.64 4.13
N LEU A 12 -1.63 -1.45 4.14
CA LEU A 12 -2.89 -1.05 3.50
C LEU A 12 -3.47 0.17 4.21
N THR A 13 -3.32 0.24 5.52
CA THR A 13 -3.76 1.41 6.26
C THR A 13 -3.12 2.68 5.68
N LEU A 14 -1.83 2.63 5.37
CA LEU A 14 -1.10 3.78 4.88
C LEU A 14 -1.51 4.09 3.43
N CYS A 15 -2.06 3.11 2.70
CA CYS A 15 -2.56 3.36 1.34
C CYS A 15 -3.72 4.32 1.38
N GLN A 16 -4.43 4.43 2.50
CA GLN A 16 -5.63 5.25 2.59
C GLN A 16 -5.29 6.74 2.40
N ASP A 17 -4.05 7.12 2.71
CA ASP A 17 -3.55 8.48 2.49
C ASP A 17 -3.26 8.70 0.99
N CYS A 18 -3.10 7.64 0.21
CA CYS A 18 -2.94 7.73 -1.23
C CYS A 18 -4.29 7.83 -1.91
N GLU A 19 -4.39 8.77 -2.86
CA GLU A 19 -5.52 9.02 -3.72
C GLU A 19 -6.25 7.72 -4.08
N ASN A 20 -5.60 6.86 -4.85
CA ASN A 20 -6.20 5.64 -5.34
C ASN A 20 -5.85 4.52 -4.39
N THR A 21 -6.39 4.62 -3.18
CA THR A 21 -6.27 3.61 -2.14
C THR A 21 -6.23 2.16 -2.68
N PRO A 22 -7.20 1.65 -3.44
CA PRO A 22 -7.19 0.25 -3.85
C PRO A 22 -6.16 -0.07 -4.94
N ILE A 23 -5.73 0.89 -5.75
CA ILE A 23 -4.61 0.65 -6.64
C ILE A 23 -3.38 0.45 -5.76
N CYS A 24 -3.22 1.33 -4.77
CA CYS A 24 -2.16 1.19 -3.79
C CYS A 24 -2.27 -0.14 -3.04
N GLU A 25 -3.48 -0.56 -2.67
CA GLU A 25 -3.72 -1.87 -2.06
C GLU A 25 -3.13 -2.97 -2.94
N LEU A 26 -3.50 -2.94 -4.22
CA LEU A 26 -3.09 -3.92 -5.20
C LEU A 26 -1.57 -3.99 -5.27
N ALA A 27 -0.95 -2.81 -5.39
CA ALA A 27 0.50 -2.72 -5.45
C ALA A 27 1.12 -3.26 -4.16
N VAL A 28 0.58 -2.87 -3.01
CA VAL A 28 1.03 -3.36 -1.71
C VAL A 28 0.99 -4.89 -1.68
N LYS A 29 -0.14 -5.52 -2.04
CA LYS A 29 -0.20 -6.96 -2.14
C LYS A 29 0.84 -7.52 -3.11
N GLY A 30 1.05 -6.82 -4.23
CA GLY A 30 2.08 -7.18 -5.17
C GLY A 30 3.48 -7.06 -4.57
N SER A 31 3.66 -6.18 -3.59
CA SER A 31 4.96 -5.93 -2.99
C SER A 31 5.21 -6.97 -1.92
N CYS A 32 4.61 -6.80 -0.73
CA CYS A 32 4.84 -7.75 0.36
C CYS A 32 3.81 -8.87 0.25
N PRO A 33 4.20 -10.13 0.48
CA PRO A 33 3.27 -11.25 0.43
C PRO A 33 2.23 -11.06 1.55
N PRO A 34 0.92 -11.00 1.23
CA PRO A 34 -0.13 -10.72 2.21
C PRO A 34 -0.29 -11.91 3.17
N PRO A 35 -0.91 -11.75 4.34
CA PRO A 35 -1.37 -10.49 4.90
C PRO A 35 -0.20 -9.67 5.44
N TRP A 36 -0.51 -8.45 5.83
CA TRP A 36 0.44 -7.43 6.26
C TRP A 36 0.35 -7.26 7.77
N SER A 37 1.12 -6.34 8.33
CA SER A 37 1.08 -5.95 9.73
C SER A 37 1.35 -4.45 9.81
N ASP A 1 5.86 9.88 -3.42
CA ASP A 1 4.55 10.30 -2.92
C ASP A 1 4.04 9.24 -1.94
N ILE A 2 3.16 9.62 -1.01
CA ILE A 2 2.72 8.75 0.08
C ILE A 2 2.20 7.40 -0.39
N CYS A 3 1.66 7.34 -1.59
CA CYS A 3 1.25 6.07 -2.19
C CYS A 3 2.46 5.14 -2.30
N ASP A 4 3.53 5.65 -2.89
CA ASP A 4 4.76 4.92 -3.09
C ASP A 4 5.37 4.58 -1.73
N ILE A 5 5.29 5.52 -0.78
CA ILE A 5 5.69 5.26 0.60
C ILE A 5 4.95 4.03 1.12
N ALA A 6 3.63 4.07 1.11
CA ALA A 6 2.78 3.03 1.67
C ALA A 6 3.06 1.68 1.02
N ILE A 7 3.36 1.68 -0.28
CA ILE A 7 3.77 0.48 -0.98
C ILE A 7 5.15 0.03 -0.49
N ALA A 8 6.11 0.94 -0.37
CA ALA A 8 7.44 0.62 0.14
C ALA A 8 7.37 0.10 1.57
N GLN A 9 6.40 0.59 2.34
CA GLN A 9 6.07 0.19 3.69
C GLN A 9 5.02 -0.92 3.71
N CYS A 10 4.66 -1.42 2.53
CA CYS A 10 3.62 -2.37 2.16
C CYS A 10 2.56 -2.41 3.24
N SER A 11 1.77 -1.35 3.36
CA SER A 11 0.74 -1.16 4.35
C SER A 11 -0.55 -0.77 3.65
N LEU A 12 -1.59 -1.59 3.74
CA LEU A 12 -2.89 -1.24 3.19
C LEU A 12 -3.44 -0.03 3.96
N THR A 13 -3.27 -0.03 5.27
CA THR A 13 -3.82 1.03 6.09
C THR A 13 -3.16 2.36 5.73
N LEU A 14 -1.82 2.43 5.62
CA LEU A 14 -1.17 3.66 5.24
C LEU A 14 -1.54 3.99 3.79
N CYS A 15 -1.87 3.00 2.97
CA CYS A 15 -2.29 3.26 1.60
C CYS A 15 -3.55 4.11 1.57
N GLN A 16 -4.30 4.21 2.66
CA GLN A 16 -5.47 5.08 2.74
C GLN A 16 -5.10 6.56 2.81
N ASP A 17 -3.81 6.92 2.91
CA ASP A 17 -3.38 8.27 2.59
C ASP A 17 -3.39 8.47 1.09
N CYS A 18 -3.21 7.42 0.30
CA CYS A 18 -3.07 7.56 -1.13
C CYS A 18 -4.43 7.86 -1.77
N GLU A 19 -4.41 8.83 -2.67
CA GLU A 19 -5.53 9.16 -3.54
C GLU A 19 -6.15 7.88 -4.11
N ASN A 20 -5.40 7.18 -4.95
CA ASN A 20 -5.89 5.98 -5.61
C ASN A 20 -5.73 4.75 -4.71
N THR A 21 -6.45 4.76 -3.58
CA THR A 21 -6.37 3.74 -2.55
C THR A 21 -6.31 2.30 -3.08
N PRO A 22 -7.30 1.75 -3.80
CA PRO A 22 -7.26 0.34 -4.19
C PRO A 22 -6.08 0.01 -5.10
N ILE A 23 -5.63 0.94 -5.94
CA ILE A 23 -4.43 0.76 -6.74
C ILE A 23 -3.23 0.60 -5.80
N CYS A 24 -3.18 1.47 -4.79
CA CYS A 24 -2.17 1.43 -3.75
C CYS A 24 -2.19 0.08 -3.02
N GLU A 25 -3.38 -0.33 -2.57
CA GLU A 25 -3.63 -1.61 -1.91
C GLU A 25 -3.17 -2.77 -2.78
N LEU A 26 -3.49 -2.74 -4.07
CA LEU A 26 -3.03 -3.74 -5.02
C LEU A 26 -1.50 -3.82 -4.98
N ALA A 27 -0.83 -2.69 -5.14
CA ALA A 27 0.63 -2.67 -5.13
C ALA A 27 1.19 -3.15 -3.79
N VAL A 28 0.58 -2.80 -2.67
CA VAL A 28 0.96 -3.35 -1.37
C VAL A 28 0.94 -4.87 -1.45
N LYS A 29 -0.20 -5.42 -1.89
CA LYS A 29 -0.42 -6.83 -2.14
C LYS A 29 0.33 -7.33 -3.40
N GLY A 30 1.25 -6.54 -3.93
CA GLY A 30 2.24 -6.93 -4.93
C GLY A 30 3.62 -7.03 -4.28
N SER A 31 3.84 -6.24 -3.23
CA SER A 31 5.13 -6.16 -2.57
C SER A 31 5.27 -7.29 -1.54
N CYS A 32 4.37 -7.35 -0.57
CA CYS A 32 4.59 -8.11 0.66
C CYS A 32 3.50 -9.16 0.84
N PRO A 33 3.84 -10.35 1.35
CA PRO A 33 2.86 -11.37 1.66
C PRO A 33 2.00 -10.94 2.85
N PRO A 34 0.77 -11.44 2.96
CA PRO A 34 -0.09 -11.17 4.10
C PRO A 34 0.57 -11.68 5.38
N PRO A 35 0.27 -11.10 6.55
CA PRO A 35 -0.51 -9.88 6.71
C PRO A 35 0.38 -8.67 6.42
N TRP A 36 -0.20 -7.47 6.41
CA TRP A 36 0.51 -6.21 6.23
C TRP A 36 0.51 -5.41 7.53
N SER A 37 1.40 -4.44 7.65
CA SER A 37 1.44 -3.49 8.74
C SER A 37 1.03 -2.13 8.17
N ASP A 1 5.94 9.61 -3.61
CA ASP A 1 4.86 10.27 -2.86
C ASP A 1 4.36 9.27 -1.82
N ILE A 2 3.35 9.63 -1.02
CA ILE A 2 2.89 8.75 0.04
C ILE A 2 2.38 7.41 -0.51
N CYS A 3 1.93 7.37 -1.77
CA CYS A 3 1.62 6.08 -2.37
C CYS A 3 2.85 5.19 -2.42
N ASP A 4 3.96 5.74 -2.91
CA ASP A 4 5.23 5.00 -2.93
C ASP A 4 5.56 4.56 -1.51
N ILE A 5 5.42 5.48 -0.57
CA ILE A 5 5.68 5.23 0.84
C ILE A 5 4.89 4.01 1.29
N ALA A 6 3.57 4.05 1.15
CA ALA A 6 2.67 3.01 1.62
C ALA A 6 3.02 1.67 1.01
N ILE A 7 3.41 1.66 -0.26
CA ILE A 7 3.80 0.43 -0.92
C ILE A 7 5.14 -0.05 -0.35
N ALA A 8 6.09 0.86 -0.16
CA ALA A 8 7.40 0.52 0.40
C ALA A 8 7.26 0.03 1.84
N GLN A 9 6.33 0.63 2.58
CA GLN A 9 5.93 0.32 3.95
C GLN A 9 4.90 -0.82 3.98
N CYS A 10 4.53 -1.32 2.79
CA CYS A 10 3.54 -2.34 2.50
C CYS A 10 2.44 -2.35 3.54
N SER A 11 1.51 -1.42 3.35
CA SER A 11 0.47 -1.07 4.30
C SER A 11 -0.80 -0.67 3.56
N LEU A 12 -1.84 -1.51 3.61
CA LEU A 12 -3.15 -1.12 3.13
C LEU A 12 -3.68 0.04 3.99
N THR A 13 -3.25 0.13 5.24
CA THR A 13 -3.58 1.24 6.10
C THR A 13 -3.04 2.54 5.50
N LEU A 14 -1.73 2.60 5.31
CA LEU A 14 -1.08 3.79 4.77
C LEU A 14 -1.60 4.08 3.36
N CYS A 15 -2.12 3.06 2.66
CA CYS A 15 -2.67 3.31 1.32
C CYS A 15 -3.82 4.30 1.36
N GLN A 16 -4.54 4.39 2.49
CA GLN A 16 -5.62 5.36 2.61
C GLN A 16 -5.11 6.81 2.74
N ASP A 17 -3.82 7.03 3.00
CA ASP A 17 -3.26 8.38 2.86
C ASP A 17 -3.15 8.66 1.37
N CYS A 18 -2.80 7.64 0.57
CA CYS A 18 -2.67 7.81 -0.87
C CYS A 18 -4.04 7.94 -1.51
N GLU A 19 -4.10 8.73 -2.57
CA GLU A 19 -5.29 8.97 -3.35
C GLU A 19 -5.91 7.66 -3.82
N ASN A 20 -5.17 6.89 -4.60
CA ASN A 20 -5.69 5.78 -5.40
C ASN A 20 -5.81 4.49 -4.59
N THR A 21 -6.53 4.55 -3.47
CA THR A 21 -6.59 3.54 -2.44
C THR A 21 -6.51 2.08 -2.93
N PRO A 22 -7.47 1.53 -3.69
CA PRO A 22 -7.41 0.12 -4.06
C PRO A 22 -6.24 -0.21 -4.99
N ILE A 23 -5.86 0.71 -5.87
CA ILE A 23 -4.72 0.49 -6.73
C ILE A 23 -3.46 0.41 -5.87
N CYS A 24 -3.40 1.25 -4.83
CA CYS A 24 -2.33 1.19 -3.84
C CYS A 24 -2.38 -0.13 -3.06
N GLU A 25 -3.55 -0.52 -2.54
CA GLU A 25 -3.77 -1.81 -1.90
C GLU A 25 -3.21 -2.93 -2.78
N LEU A 26 -3.60 -2.91 -4.05
CA LEU A 26 -3.18 -3.88 -5.04
C LEU A 26 -1.66 -3.91 -5.15
N ALA A 27 -1.03 -2.74 -5.25
CA ALA A 27 0.43 -2.66 -5.27
C ALA A 27 1.02 -3.24 -3.96
N VAL A 28 0.45 -2.92 -2.81
CA VAL A 28 0.89 -3.42 -1.51
C VAL A 28 0.89 -4.96 -1.50
N LYS A 29 -0.22 -5.58 -1.93
CA LYS A 29 -0.29 -7.02 -2.07
C LYS A 29 0.78 -7.48 -3.07
N GLY A 30 0.98 -6.72 -4.13
CA GLY A 30 2.09 -6.90 -5.06
C GLY A 30 3.44 -6.98 -4.34
N SER A 31 3.78 -6.02 -3.47
CA SER A 31 5.15 -5.80 -3.08
C SER A 31 5.56 -6.73 -1.94
N CYS A 32 4.73 -6.85 -0.90
CA CYS A 32 5.08 -7.64 0.29
C CYS A 32 4.20 -8.86 0.38
N PRO A 33 4.68 -9.92 1.04
CA PRO A 33 3.86 -11.11 1.28
C PRO A 33 2.79 -10.75 2.31
N PRO A 34 1.67 -11.48 2.32
CA PRO A 34 0.62 -11.28 3.31
C PRO A 34 1.13 -11.73 4.68
N PRO A 35 0.66 -11.15 5.80
CA PRO A 35 -0.16 -9.95 5.87
C PRO A 35 0.74 -8.71 5.77
N TRP A 36 0.16 -7.54 5.49
CA TRP A 36 0.91 -6.34 5.15
C TRP A 36 1.27 -5.57 6.40
N SER A 37 2.03 -6.24 7.26
CA SER A 37 2.49 -5.74 8.52
C SER A 37 4.00 -5.55 8.40
N ASP A 1 5.61 9.20 -4.00
CA ASP A 1 4.75 10.03 -3.14
C ASP A 1 4.29 9.16 -1.98
N ILE A 2 3.45 9.65 -1.06
CA ILE A 2 2.97 8.84 0.06
C ILE A 2 2.36 7.52 -0.39
N CYS A 3 1.78 7.46 -1.60
CA CYS A 3 1.33 6.19 -2.15
C CYS A 3 2.48 5.20 -2.27
N ASP A 4 3.59 5.67 -2.84
CA ASP A 4 4.81 4.88 -2.97
C ASP A 4 5.29 4.48 -1.58
N ILE A 5 5.26 5.43 -0.65
CA ILE A 5 5.58 5.16 0.75
C ILE A 5 4.74 3.97 1.23
N ALA A 6 3.42 4.05 1.14
CA ALA A 6 2.53 2.96 1.57
C ALA A 6 2.93 1.63 0.94
N ILE A 7 3.34 1.66 -0.32
CA ILE A 7 3.77 0.46 -1.04
C ILE A 7 5.08 -0.08 -0.45
N ALA A 8 6.08 0.77 -0.24
CA ALA A 8 7.34 0.42 0.41
C ALA A 8 7.10 -0.12 1.82
N GLN A 9 6.20 0.54 2.54
CA GLN A 9 5.78 0.19 3.89
C GLN A 9 4.87 -1.05 3.85
N CYS A 10 4.50 -1.47 2.64
CA CYS A 10 3.51 -2.47 2.27
C CYS A 10 2.44 -2.57 3.34
N SER A 11 1.61 -1.54 3.43
CA SER A 11 0.64 -1.36 4.49
C SER A 11 -0.64 -0.77 3.91
N LEU A 12 -1.73 -1.54 3.91
CA LEU A 12 -3.01 -1.08 3.38
C LEU A 12 -3.53 0.10 4.20
N THR A 13 -3.33 0.08 5.51
CA THR A 13 -3.69 1.24 6.31
C THR A 13 -3.04 2.52 5.76
N LEU A 14 -1.77 2.46 5.35
CA LEU A 14 -1.12 3.65 4.80
C LEU A 14 -1.65 3.96 3.41
N CYS A 15 -2.21 2.98 2.69
CA CYS A 15 -2.77 3.25 1.36
C CYS A 15 -3.94 4.21 1.45
N GLN A 16 -4.54 4.37 2.63
CA GLN A 16 -5.52 5.40 2.87
C GLN A 16 -4.95 6.76 2.44
N ASP A 17 -3.68 7.04 2.73
CA ASP A 17 -3.07 8.32 2.40
C ASP A 17 -2.78 8.40 0.89
N CYS A 18 -2.85 7.29 0.16
CA CYS A 18 -2.63 7.34 -1.29
C CYS A 18 -3.87 7.97 -1.95
N GLU A 19 -3.67 8.62 -3.10
CA GLU A 19 -4.73 9.12 -3.95
C GLU A 19 -5.75 8.02 -4.19
N ASN A 20 -5.30 6.90 -4.73
CA ASN A 20 -6.09 5.76 -5.13
C ASN A 20 -5.82 4.57 -4.21
N THR A 21 -6.45 4.55 -3.03
CA THR A 21 -6.34 3.49 -2.05
C THR A 21 -6.39 2.06 -2.63
N PRO A 22 -7.36 1.62 -3.44
CA PRO A 22 -7.42 0.23 -3.89
C PRO A 22 -6.29 -0.13 -4.87
N ILE A 23 -5.93 0.79 -5.75
CA ILE A 23 -4.80 0.58 -6.66
C ILE A 23 -3.53 0.40 -5.84
N CYS A 24 -3.40 1.24 -4.81
CA CYS A 24 -2.31 1.17 -3.85
C CYS A 24 -2.34 -0.15 -3.09
N GLU A 25 -3.51 -0.58 -2.64
CA GLU A 25 -3.71 -1.85 -1.96
C GLU A 25 -3.17 -2.99 -2.82
N LEU A 26 -3.53 -2.97 -4.10
CA LEU A 26 -3.07 -3.97 -5.05
C LEU A 26 -1.55 -3.93 -5.16
N ALA A 27 -0.98 -2.73 -5.27
CA ALA A 27 0.47 -2.58 -5.28
C ALA A 27 1.09 -3.07 -3.96
N VAL A 28 0.44 -2.84 -2.82
CA VAL A 28 0.90 -3.29 -1.53
C VAL A 28 0.97 -4.81 -1.50
N LYS A 29 -0.10 -5.52 -1.89
CA LYS A 29 -0.01 -6.95 -2.12
C LYS A 29 1.18 -7.27 -3.03
N GLY A 30 1.32 -6.53 -4.13
CA GLY A 30 2.42 -6.66 -5.08
C GLY A 30 3.79 -6.51 -4.41
N SER A 31 3.89 -5.67 -3.38
CA SER A 31 5.15 -5.36 -2.73
C SER A 31 5.46 -6.46 -1.73
N CYS A 32 4.51 -6.77 -0.84
CA CYS A 32 4.63 -7.78 0.20
C CYS A 32 3.33 -8.57 0.17
N PRO A 33 3.37 -9.90 0.05
CA PRO A 33 2.16 -10.68 -0.15
C PRO A 33 1.29 -10.66 1.12
N PRO A 34 -0.02 -10.86 1.00
CA PRO A 34 -0.93 -10.88 2.14
C PRO A 34 -0.70 -12.16 2.97
N PRO A 35 -1.03 -12.16 4.27
CA PRO A 35 -1.45 -11.01 5.05
C PRO A 35 -0.22 -10.20 5.50
N TRP A 36 -0.35 -8.88 5.50
CA TRP A 36 0.69 -7.98 5.98
C TRP A 36 0.69 -8.07 7.49
N SER A 37 1.61 -8.85 8.05
CA SER A 37 1.75 -9.13 9.46
C SER A 37 3.25 -9.15 9.73
N ASP A 1 5.25 9.53 -4.39
CA ASP A 1 4.08 9.94 -3.63
C ASP A 1 3.87 9.00 -2.44
N ILE A 2 2.86 9.29 -1.62
CA ILE A 2 2.49 8.49 -0.47
C ILE A 2 2.08 7.08 -0.88
N CYS A 3 1.57 6.86 -2.10
CA CYS A 3 1.32 5.50 -2.55
C CYS A 3 2.63 4.73 -2.47
N ASP A 4 3.69 5.31 -3.03
CA ASP A 4 5.00 4.68 -3.04
C ASP A 4 5.55 4.54 -1.62
N ILE A 5 5.31 5.54 -0.77
CA ILE A 5 5.61 5.41 0.66
C ILE A 5 4.93 4.17 1.24
N ALA A 6 3.61 4.06 1.07
CA ALA A 6 2.80 2.97 1.60
C ALA A 6 3.27 1.64 1.03
N ILE A 7 3.77 1.63 -0.20
CA ILE A 7 4.37 0.47 -0.83
C ILE A 7 5.71 0.14 -0.16
N ALA A 8 6.56 1.13 0.08
CA ALA A 8 7.79 0.94 0.84
C ALA A 8 7.46 0.27 2.18
N GLN A 9 6.46 0.81 2.86
CA GLN A 9 5.96 0.33 4.14
C GLN A 9 5.14 -0.96 3.98
N CYS A 10 4.79 -1.33 2.75
CA CYS A 10 3.74 -2.23 2.33
C CYS A 10 2.66 -2.34 3.42
N SER A 11 1.91 -1.27 3.61
CA SER A 11 0.85 -1.16 4.61
C SER A 11 -0.45 -0.72 3.94
N LEU A 12 -1.47 -1.59 3.97
CA LEU A 12 -2.78 -1.31 3.43
C LEU A 12 -3.47 -0.16 4.16
N THR A 13 -3.11 0.08 5.42
CA THR A 13 -3.68 1.19 6.16
C THR A 13 -3.06 2.52 5.75
N LEU A 14 -1.74 2.59 5.65
CA LEU A 14 -1.10 3.80 5.19
C LEU A 14 -1.56 4.07 3.76
N CYS A 15 -1.90 3.02 3.01
CA CYS A 15 -2.44 3.18 1.67
C CYS A 15 -3.71 4.03 1.65
N GLN A 16 -4.49 4.08 2.73
CA GLN A 16 -5.67 4.93 2.76
C GLN A 16 -5.33 6.42 2.61
N ASP A 17 -4.07 6.80 2.82
CA ASP A 17 -3.64 8.17 2.59
C ASP A 17 -3.58 8.39 1.08
N CYS A 18 -3.21 7.36 0.32
CA CYS A 18 -2.96 7.54 -1.09
C CYS A 18 -4.28 7.69 -1.82
N GLU A 19 -4.40 8.76 -2.61
CA GLU A 19 -5.52 9.13 -3.43
C GLU A 19 -6.23 7.88 -4.01
N ASN A 20 -5.55 7.11 -4.85
CA ASN A 20 -6.11 5.97 -5.52
C ASN A 20 -5.87 4.73 -4.66
N THR A 21 -6.42 4.76 -3.44
CA THR A 21 -6.34 3.71 -2.44
C THR A 21 -6.33 2.28 -2.99
N PRO A 22 -7.28 1.83 -3.84
CA PRO A 22 -7.23 0.46 -4.34
C PRO A 22 -6.01 0.16 -5.19
N ILE A 23 -5.50 1.12 -5.96
CA ILE A 23 -4.25 0.90 -6.69
C ILE A 23 -3.13 0.71 -5.67
N CYS A 24 -3.16 1.54 -4.63
CA CYS A 24 -2.19 1.44 -3.56
C CYS A 24 -2.25 0.05 -2.93
N GLU A 25 -3.45 -0.39 -2.55
CA GLU A 25 -3.71 -1.71 -2.02
C GLU A 25 -3.16 -2.78 -2.95
N LEU A 26 -3.47 -2.68 -4.23
CA LEU A 26 -3.05 -3.62 -5.25
C LEU A 26 -1.54 -3.74 -5.26
N ALA A 27 -0.84 -2.62 -5.37
CA ALA A 27 0.61 -2.57 -5.39
C ALA A 27 1.18 -3.14 -4.09
N VAL A 28 0.62 -2.76 -2.94
CA VAL A 28 1.03 -3.29 -1.64
C VAL A 28 0.88 -4.81 -1.63
N LYS A 29 -0.27 -5.33 -2.04
CA LYS A 29 -0.48 -6.77 -2.08
C LYS A 29 0.52 -7.38 -3.06
N GLY A 30 0.87 -6.68 -4.14
CA GLY A 30 1.88 -7.10 -5.08
C GLY A 30 3.26 -7.13 -4.42
N SER A 31 3.50 -6.23 -3.45
CA SER A 31 4.81 -5.96 -2.88
C SER A 31 5.10 -6.99 -1.80
N CYS A 32 4.18 -7.17 -0.85
CA CYS A 32 4.41 -7.97 0.35
C CYS A 32 3.20 -8.87 0.55
N PRO A 33 3.37 -10.08 1.12
CA PRO A 33 2.26 -10.99 1.34
C PRO A 33 1.51 -10.61 2.61
N PRO A 34 0.29 -11.12 2.81
CA PRO A 34 -0.43 -10.94 4.06
C PRO A 34 0.23 -11.78 5.16
N PRO A 35 0.10 -11.38 6.43
CA PRO A 35 -0.52 -10.14 6.87
C PRO A 35 0.46 -8.99 6.67
N TRP A 36 -0.04 -7.80 6.36
CA TRP A 36 0.77 -6.60 6.32
C TRP A 36 0.86 -6.13 7.78
N SER A 37 1.78 -6.74 8.52
CA SER A 37 2.01 -6.55 9.95
C SER A 37 3.52 -6.69 10.19
N ASP A 1 5.49 9.00 -4.58
CA ASP A 1 4.28 9.54 -3.93
C ASP A 1 4.01 8.75 -2.65
N ILE A 2 3.01 9.14 -1.88
CA ILE A 2 2.66 8.47 -0.64
C ILE A 2 2.19 7.04 -0.91
N CYS A 3 1.65 6.78 -2.10
CA CYS A 3 1.47 5.40 -2.53
C CYS A 3 2.80 4.69 -2.45
N ASP A 4 3.85 5.20 -3.11
CA ASP A 4 5.17 4.58 -3.13
C ASP A 4 5.66 4.37 -1.70
N ILE A 5 5.38 5.33 -0.83
CA ILE A 5 5.65 5.18 0.59
C ILE A 5 4.91 3.97 1.16
N ALA A 6 3.58 3.96 1.14
CA ALA A 6 2.77 2.88 1.69
C ALA A 6 3.15 1.52 1.08
N ILE A 7 3.56 1.52 -0.18
CA ILE A 7 3.96 0.36 -0.96
C ILE A 7 5.34 -0.12 -0.51
N ALA A 8 6.24 0.81 -0.23
CA ALA A 8 7.55 0.50 0.34
C ALA A 8 7.39 -0.04 1.77
N GLN A 9 6.48 0.59 2.51
CA GLN A 9 6.18 0.28 3.91
C GLN A 9 5.29 -0.97 4.00
N CYS A 10 4.63 -1.32 2.91
CA CYS A 10 3.65 -2.38 2.75
C CYS A 10 2.63 -2.39 3.88
N SER A 11 1.68 -1.47 3.78
CA SER A 11 0.58 -1.24 4.69
C SER A 11 -0.67 -0.91 3.88
N LEU A 12 -1.68 -1.76 3.96
CA LEU A 12 -2.99 -1.45 3.38
C LEU A 12 -3.64 -0.29 4.12
N THR A 13 -3.33 -0.10 5.41
CA THR A 13 -3.91 1.03 6.13
C THR A 13 -3.36 2.33 5.57
N LEU A 14 -2.03 2.43 5.45
CA LEU A 14 -1.39 3.67 5.05
C LEU A 14 -1.81 4.02 3.62
N CYS A 15 -2.25 3.04 2.84
CA CYS A 15 -2.77 3.31 1.51
C CYS A 15 -3.91 4.32 1.52
N GLN A 16 -4.67 4.42 2.61
CA GLN A 16 -5.74 5.42 2.71
C GLN A 16 -5.24 6.86 2.79
N ASP A 17 -3.92 7.08 2.90
CA ASP A 17 -3.37 8.40 2.64
C ASP A 17 -3.40 8.61 1.12
N CYS A 18 -3.00 7.60 0.36
CA CYS A 18 -2.78 7.75 -1.07
C CYS A 18 -4.14 7.83 -1.76
N GLU A 19 -4.33 8.86 -2.58
CA GLU A 19 -5.58 9.14 -3.26
C GLU A 19 -6.18 7.88 -3.89
N ASN A 20 -5.43 7.20 -4.75
CA ASN A 20 -5.89 6.00 -5.42
C ASN A 20 -5.66 4.79 -4.52
N THR A 21 -6.40 4.76 -3.42
CA THR A 21 -6.35 3.72 -2.40
C THR A 21 -6.38 2.29 -2.95
N PRO A 22 -7.32 1.84 -3.81
CA PRO A 22 -7.35 0.44 -4.23
C PRO A 22 -6.16 0.09 -5.12
N ILE A 23 -5.71 1.00 -5.99
CA ILE A 23 -4.45 0.79 -6.69
C ILE A 23 -3.34 0.58 -5.67
N CYS A 24 -3.28 1.46 -4.67
CA CYS A 24 -2.27 1.38 -3.64
C CYS A 24 -2.31 0.03 -2.94
N GLU A 25 -3.52 -0.40 -2.54
CA GLU A 25 -3.79 -1.70 -1.97
C GLU A 25 -3.19 -2.79 -2.88
N LEU A 26 -3.56 -2.76 -4.15
CA LEU A 26 -3.11 -3.73 -5.14
C LEU A 26 -1.59 -3.78 -5.20
N ALA A 27 -0.93 -2.62 -5.15
CA ALA A 27 0.52 -2.51 -5.18
C ALA A 27 1.14 -3.02 -3.88
N VAL A 28 0.57 -2.69 -2.72
CA VAL A 28 1.00 -3.24 -1.43
C VAL A 28 0.92 -4.77 -1.49
N LYS A 29 -0.21 -5.30 -1.96
CA LYS A 29 -0.37 -6.71 -2.19
C LYS A 29 0.71 -7.22 -3.15
N GLY A 30 1.07 -6.42 -4.14
CA GLY A 30 2.18 -6.71 -5.03
C GLY A 30 3.51 -6.80 -4.29
N SER A 31 3.70 -5.93 -3.29
CA SER A 31 5.01 -5.58 -2.79
C SER A 31 5.56 -6.56 -1.77
N CYS A 32 4.74 -6.97 -0.82
CA CYS A 32 5.18 -7.73 0.34
C CYS A 32 4.29 -8.95 0.44
N PRO A 33 4.78 -10.05 1.02
CA PRO A 33 3.95 -11.23 1.21
C PRO A 33 2.77 -10.85 2.11
N PRO A 34 1.59 -11.44 1.92
CA PRO A 34 0.47 -11.26 2.83
C PRO A 34 0.84 -11.87 4.19
N PRO A 35 0.40 -11.30 5.33
CA PRO A 35 -0.38 -10.09 5.45
C PRO A 35 0.50 -8.84 5.45
N TRP A 36 -0.14 -7.67 5.38
CA TRP A 36 0.51 -6.36 5.36
C TRP A 36 0.24 -5.62 6.68
N SER A 37 1.02 -4.59 6.97
CA SER A 37 1.03 -3.89 8.25
C SER A 37 1.00 -4.89 9.41
N ASP A 1 5.97 9.12 -3.75
CA ASP A 1 4.92 9.90 -3.08
C ASP A 1 4.39 9.06 -1.92
N ILE A 2 3.33 9.47 -1.23
CA ILE A 2 2.79 8.69 -0.11
C ILE A 2 2.24 7.33 -0.56
N CYS A 3 1.77 7.18 -1.81
CA CYS A 3 1.51 5.83 -2.33
C CYS A 3 2.80 5.02 -2.24
N ASP A 4 3.89 5.59 -2.78
CA ASP A 4 5.19 4.92 -2.78
C ASP A 4 5.63 4.62 -1.35
N ILE A 5 5.33 5.51 -0.41
CA ILE A 5 5.55 5.28 1.01
C ILE A 5 4.79 4.03 1.45
N ALA A 6 3.46 4.01 1.27
CA ALA A 6 2.64 2.86 1.65
C ALA A 6 3.15 1.58 1.00
N ILE A 7 3.63 1.65 -0.23
CA ILE A 7 4.13 0.51 -0.98
C ILE A 7 5.49 0.05 -0.45
N ALA A 8 6.37 0.99 -0.11
CA ALA A 8 7.66 0.70 0.51
C ALA A 8 7.41 0.07 1.87
N GLN A 9 6.47 0.64 2.62
CA GLN A 9 6.09 0.19 3.95
C GLN A 9 5.30 -1.12 3.85
N CYS A 10 4.66 -1.35 2.70
CA CYS A 10 3.63 -2.35 2.47
C CYS A 10 2.66 -2.36 3.64
N SER A 11 1.80 -1.34 3.66
CA SER A 11 0.77 -1.12 4.65
C SER A 11 -0.51 -0.70 3.94
N LEU A 12 -1.56 -1.51 4.05
CA LEU A 12 -2.84 -1.22 3.41
C LEU A 12 -3.54 -0.05 4.11
N THR A 13 -3.42 0.07 5.42
CA THR A 13 -3.94 1.23 6.12
C THR A 13 -3.32 2.52 5.58
N LEU A 14 -2.00 2.55 5.38
CA LEU A 14 -1.33 3.75 4.91
C LEU A 14 -1.81 4.10 3.49
N CYS A 15 -2.29 3.13 2.73
CA CYS A 15 -2.76 3.41 1.37
C CYS A 15 -3.88 4.45 1.37
N GLN A 16 -4.66 4.56 2.45
CA GLN A 16 -5.70 5.58 2.52
C GLN A 16 -5.13 7.00 2.41
N ASP A 17 -3.84 7.22 2.68
CA ASP A 17 -3.25 8.55 2.57
C ASP A 17 -3.10 8.91 1.10
N CYS A 18 -2.97 7.93 0.22
CA CYS A 18 -2.81 8.15 -1.21
C CYS A 18 -4.17 8.35 -1.89
N GLU A 19 -4.19 8.98 -3.06
CA GLU A 19 -5.35 9.09 -3.94
C GLU A 19 -6.17 7.80 -3.94
N ASN A 20 -5.54 6.71 -4.37
CA ASN A 20 -6.19 5.49 -4.79
C ASN A 20 -5.96 4.36 -3.82
N THR A 21 -6.84 4.25 -2.82
CA THR A 21 -6.88 3.11 -1.93
C THR A 21 -6.64 1.78 -2.67
N PRO A 22 -7.44 1.39 -3.68
CA PRO A 22 -7.34 0.05 -4.21
C PRO A 22 -6.14 -0.14 -5.14
N ILE A 23 -5.77 0.85 -5.96
CA ILE A 23 -4.59 0.69 -6.80
C ILE A 23 -3.37 0.54 -5.88
N CYS A 24 -3.33 1.35 -4.83
CA CYS A 24 -2.27 1.33 -3.85
C CYS A 24 -2.26 0.00 -3.10
N GLU A 25 -3.44 -0.45 -2.64
CA GLU A 25 -3.58 -1.73 -2.00
C GLU A 25 -3.04 -2.79 -2.94
N LEU A 26 -3.42 -2.76 -4.21
CA LEU A 26 -2.97 -3.72 -5.19
C LEU A 26 -1.43 -3.73 -5.24
N ALA A 27 -0.81 -2.56 -5.31
CA ALA A 27 0.64 -2.46 -5.29
C ALA A 27 1.23 -3.11 -4.04
N VAL A 28 0.75 -2.73 -2.86
CA VAL A 28 1.19 -3.30 -1.59
C VAL A 28 1.10 -4.83 -1.62
N LYS A 29 -0.05 -5.33 -2.07
CA LYS A 29 -0.32 -6.74 -2.17
C LYS A 29 0.63 -7.40 -3.16
N GLY A 30 0.93 -6.71 -4.25
CA GLY A 30 1.93 -7.09 -5.21
C GLY A 30 3.28 -7.31 -4.50
N SER A 31 3.72 -6.38 -3.66
CA SER A 31 5.09 -6.41 -3.20
C SER A 31 5.28 -7.37 -2.02
N CYS A 32 4.46 -7.24 -0.99
CA CYS A 32 4.66 -7.94 0.29
C CYS A 32 3.57 -9.01 0.47
N PRO A 33 3.82 -10.06 1.27
CA PRO A 33 2.85 -11.13 1.46
C PRO A 33 1.72 -10.69 2.41
N PRO A 34 0.55 -11.34 2.35
CA PRO A 34 -0.51 -11.15 3.32
C PRO A 34 -0.08 -11.74 4.68
N PRO A 35 -0.79 -11.46 5.77
CA PRO A 35 -1.68 -10.34 5.93
C PRO A 35 -0.81 -9.08 6.01
N TRP A 36 -1.28 -7.96 5.47
CA TRP A 36 -0.52 -6.70 5.50
C TRP A 36 -0.78 -5.99 6.82
N SER A 37 -0.38 -6.65 7.90
CA SER A 37 -0.43 -6.11 9.23
C SER A 37 0.76 -5.17 9.44
N ASP A 1 6.14 9.41 -3.52
CA ASP A 1 4.86 9.95 -3.03
C ASP A 1 4.28 9.01 -1.99
N ILE A 2 3.25 9.42 -1.26
CA ILE A 2 2.77 8.63 -0.12
C ILE A 2 2.22 7.28 -0.55
N CYS A 3 1.70 7.16 -1.77
CA CYS A 3 1.37 5.86 -2.34
C CYS A 3 2.61 4.99 -2.29
N ASP A 4 3.69 5.50 -2.86
CA ASP A 4 4.96 4.80 -2.95
C ASP A 4 5.46 4.48 -1.55
N ILE A 5 5.32 5.42 -0.62
CA ILE A 5 5.62 5.20 0.79
C ILE A 5 4.84 3.98 1.31
N ALA A 6 3.52 3.96 1.15
CA ALA A 6 2.67 2.89 1.61
C ALA A 6 3.10 1.56 0.99
N ILE A 7 3.52 1.58 -0.28
CA ILE A 7 3.97 0.40 -1.00
C ILE A 7 5.31 -0.10 -0.46
N ALA A 8 6.25 0.81 -0.19
CA ALA A 8 7.52 0.50 0.43
C ALA A 8 7.28 -0.12 1.80
N GLN A 9 6.36 0.48 2.55
CA GLN A 9 5.99 0.08 3.89
C GLN A 9 5.16 -1.20 3.85
N CYS A 10 4.55 -1.45 2.70
CA CYS A 10 3.56 -2.45 2.40
C CYS A 10 2.52 -2.44 3.53
N SER A 11 1.80 -1.34 3.62
CA SER A 11 0.74 -1.05 4.57
C SER A 11 -0.53 -0.75 3.78
N LEU A 12 -1.53 -1.61 3.86
CA LEU A 12 -2.84 -1.35 3.29
C LEU A 12 -3.49 -0.18 4.03
N THR A 13 -3.21 -0.02 5.31
CA THR A 13 -3.72 1.10 6.07
C THR A 13 -3.16 2.41 5.52
N LEU A 14 -1.83 2.54 5.42
CA LEU A 14 -1.25 3.79 4.98
C LEU A 14 -1.65 4.11 3.54
N CYS A 15 -2.08 3.12 2.75
CA CYS A 15 -2.57 3.41 1.41
C CYS A 15 -3.68 4.45 1.44
N GLN A 16 -4.48 4.49 2.51
CA GLN A 16 -5.56 5.45 2.62
C GLN A 16 -5.10 6.92 2.56
N ASP A 17 -3.82 7.23 2.79
CA ASP A 17 -3.35 8.59 2.61
C ASP A 17 -3.24 8.91 1.12
N CYS A 18 -2.93 7.92 0.29
CA CYS A 18 -2.81 8.14 -1.15
C CYS A 18 -4.20 8.29 -1.77
N GLU A 19 -4.30 9.04 -2.86
CA GLU A 19 -5.50 9.16 -3.68
C GLU A 19 -6.21 7.81 -3.83
N ASN A 20 -5.52 6.88 -4.47
CA ASN A 20 -6.11 5.69 -5.04
C ASN A 20 -5.85 4.49 -4.17
N THR A 21 -6.60 4.41 -3.07
CA THR A 21 -6.56 3.32 -2.12
C THR A 21 -6.49 1.96 -2.84
N PRO A 22 -7.42 1.53 -3.72
CA PRO A 22 -7.38 0.18 -4.26
C PRO A 22 -6.20 -0.09 -5.19
N ILE A 23 -5.78 0.86 -6.02
CA ILE A 23 -4.56 0.70 -6.80
C ILE A 23 -3.40 0.49 -5.84
N CYS A 24 -3.32 1.33 -4.81
CA CYS A 24 -2.26 1.27 -3.83
C CYS A 24 -2.29 -0.05 -3.08
N GLU A 25 -3.48 -0.52 -2.69
CA GLU A 25 -3.71 -1.80 -2.07
C GLU A 25 -3.10 -2.89 -2.95
N LEU A 26 -3.46 -2.87 -4.24
CA LEU A 26 -2.97 -3.86 -5.19
C LEU A 26 -1.44 -3.83 -5.19
N ALA A 27 -0.84 -2.65 -5.28
CA ALA A 27 0.60 -2.50 -5.24
C ALA A 27 1.21 -3.04 -3.94
N VAL A 28 0.60 -2.76 -2.78
CA VAL A 28 1.03 -3.28 -1.50
C VAL A 28 1.03 -4.81 -1.52
N LYS A 29 -0.07 -5.40 -1.97
CA LYS A 29 -0.20 -6.84 -2.12
C LYS A 29 0.87 -7.35 -3.09
N GLY A 30 1.15 -6.59 -4.15
CA GLY A 30 2.24 -6.83 -5.07
C GLY A 30 3.61 -6.76 -4.38
N SER A 31 3.72 -5.96 -3.32
CA SER A 31 4.97 -5.68 -2.65
C SER A 31 5.27 -6.81 -1.67
N CYS A 32 4.37 -7.10 -0.74
CA CYS A 32 4.65 -7.98 0.39
C CYS A 32 3.52 -8.98 0.53
N PRO A 33 3.78 -10.20 1.05
CA PRO A 33 2.76 -11.21 1.22
C PRO A 33 1.83 -10.82 2.38
N PRO A 34 0.63 -11.41 2.47
CA PRO A 34 -0.22 -11.26 3.64
C PRO A 34 0.42 -11.98 4.84
N PRO A 35 0.24 -11.51 6.07
CA PRO A 35 -0.44 -10.27 6.43
C PRO A 35 0.50 -9.08 6.22
N TRP A 36 -0.03 -7.86 6.34
CA TRP A 36 0.72 -6.63 6.16
C TRP A 36 0.88 -5.93 7.52
N SER A 37 2.13 -5.70 7.92
CA SER A 37 2.49 -5.21 9.25
C SER A 37 2.06 -6.23 10.31
N ASP A 1 5.51 9.46 -3.94
CA ASP A 1 4.71 10.20 -2.96
C ASP A 1 4.37 9.26 -1.79
N ILE A 2 3.43 9.65 -0.91
CA ILE A 2 2.93 8.80 0.17
C ILE A 2 2.38 7.47 -0.35
N CYS A 3 1.79 7.43 -1.53
CA CYS A 3 1.43 6.16 -2.14
C CYS A 3 2.65 5.25 -2.22
N ASP A 4 3.73 5.80 -2.75
CA ASP A 4 4.97 5.06 -2.90
C ASP A 4 5.50 4.64 -1.54
N ILE A 5 5.44 5.56 -0.56
CA ILE A 5 5.76 5.27 0.83
C ILE A 5 4.96 4.04 1.28
N ALA A 6 3.63 4.06 1.15
CA ALA A 6 2.75 2.99 1.59
C ALA A 6 3.17 1.66 0.96
N ILE A 7 3.57 1.68 -0.31
CA ILE A 7 4.01 0.49 -1.01
C ILE A 7 5.37 0.03 -0.50
N ALA A 8 6.27 0.96 -0.18
CA ALA A 8 7.55 0.66 0.45
C ALA A 8 7.32 0.01 1.81
N GLN A 9 6.41 0.60 2.57
CA GLN A 9 6.03 0.20 3.91
C GLN A 9 5.20 -1.08 3.86
N CYS A 10 4.57 -1.31 2.71
CA CYS A 10 3.56 -2.30 2.43
C CYS A 10 2.58 -2.38 3.59
N SER A 11 1.82 -1.30 3.73
CA SER A 11 0.77 -1.10 4.70
C SER A 11 -0.51 -0.75 3.96
N LEU A 12 -1.50 -1.64 4.03
CA LEU A 12 -2.80 -1.41 3.44
C LEU A 12 -3.52 -0.27 4.13
N THR A 13 -3.22 0.01 5.39
CA THR A 13 -3.80 1.18 6.05
C THR A 13 -3.15 2.46 5.57
N LEU A 14 -1.83 2.49 5.41
CA LEU A 14 -1.16 3.70 4.99
C LEU A 14 -1.58 4.04 3.54
N CYS A 15 -2.02 3.05 2.76
CA CYS A 15 -2.61 3.34 1.46
C CYS A 15 -3.78 4.32 1.56
N GLN A 16 -4.46 4.38 2.71
CA GLN A 16 -5.58 5.28 2.93
C GLN A 16 -5.15 6.76 2.92
N ASP A 17 -3.85 7.06 2.95
CA ASP A 17 -3.38 8.41 2.65
C ASP A 17 -3.49 8.67 1.14
N CYS A 18 -3.19 7.65 0.34
CA CYS A 18 -2.96 7.78 -1.10
C CYS A 18 -4.23 8.00 -1.91
N GLU A 19 -4.13 8.81 -2.97
CA GLU A 19 -5.19 9.07 -3.95
C GLU A 19 -5.91 7.77 -4.33
N ASN A 20 -5.19 6.87 -4.98
CA ASN A 20 -5.76 5.69 -5.59
C ASN A 20 -5.72 4.52 -4.64
N THR A 21 -6.45 4.64 -3.53
CA THR A 21 -6.51 3.64 -2.47
C THR A 21 -6.48 2.19 -2.96
N PRO A 22 -7.44 1.70 -3.77
CA PRO A 22 -7.47 0.29 -4.12
C PRO A 22 -6.32 -0.09 -5.06
N ILE A 23 -5.85 0.82 -5.91
CA ILE A 23 -4.66 0.57 -6.72
C ILE A 23 -3.48 0.35 -5.79
N CYS A 24 -3.35 1.24 -4.81
CA CYS A 24 -2.30 1.20 -3.81
C CYS A 24 -2.38 -0.11 -3.04
N GLU A 25 -3.57 -0.50 -2.61
CA GLU A 25 -3.83 -1.77 -1.98
C GLU A 25 -3.30 -2.92 -2.86
N LEU A 26 -3.66 -2.92 -4.13
CA LEU A 26 -3.17 -3.93 -5.05
C LEU A 26 -1.64 -3.96 -5.05
N ALA A 27 -1.01 -2.80 -5.27
CA ALA A 27 0.44 -2.68 -5.29
C ALA A 27 1.06 -3.21 -4.00
N VAL A 28 0.51 -2.86 -2.84
CA VAL A 28 0.97 -3.36 -1.56
C VAL A 28 0.94 -4.90 -1.57
N LYS A 29 -0.16 -5.49 -2.01
CA LYS A 29 -0.30 -6.93 -2.09
C LYS A 29 0.73 -7.53 -3.06
N GLY A 30 1.00 -6.85 -4.17
CA GLY A 30 2.08 -7.22 -5.08
C GLY A 30 3.45 -7.10 -4.42
N SER A 31 3.60 -6.13 -3.52
CA SER A 31 4.89 -5.68 -3.01
C SER A 31 5.34 -6.60 -1.88
N CYS A 32 4.42 -7.06 -1.04
CA CYS A 32 4.77 -7.79 0.18
C CYS A 32 3.76 -8.91 0.41
N PRO A 33 4.16 -9.97 1.11
CA PRO A 33 3.26 -11.06 1.42
C PRO A 33 2.25 -10.61 2.49
N PRO A 34 1.15 -11.35 2.67
CA PRO A 34 0.33 -11.23 3.87
C PRO A 34 1.13 -11.75 5.08
N PRO A 35 0.80 -11.34 6.30
CA PRO A 35 -0.17 -10.31 6.62
C PRO A 35 0.45 -8.93 6.42
N TRP A 36 -0.27 -7.98 5.83
CA TRP A 36 0.19 -6.61 5.76
C TRP A 36 -0.02 -5.98 7.14
N SER A 37 0.95 -6.24 8.03
CA SER A 37 1.00 -5.79 9.39
C SER A 37 2.47 -5.66 9.78
N ASP A 1 5.86 9.17 -3.96
CA ASP A 1 5.03 9.98 -3.06
C ASP A 1 4.56 9.08 -1.92
N ILE A 2 3.62 9.53 -1.09
CA ILE A 2 3.09 8.72 0.01
C ILE A 2 2.50 7.39 -0.48
N CYS A 3 1.96 7.34 -1.70
CA CYS A 3 1.55 6.07 -2.28
C CYS A 3 2.73 5.11 -2.33
N ASP A 4 3.86 5.59 -2.85
CA ASP A 4 5.08 4.81 -2.94
C ASP A 4 5.52 4.43 -1.53
N ILE A 5 5.50 5.39 -0.59
CA ILE A 5 5.78 5.12 0.81
C ILE A 5 4.97 3.92 1.28
N ALA A 6 3.64 3.98 1.17
CA ALA A 6 2.75 2.94 1.66
C ALA A 6 3.08 1.60 1.02
N ILE A 7 3.59 1.59 -0.21
CA ILE A 7 3.96 0.37 -0.91
C ILE A 7 5.31 -0.15 -0.44
N ALA A 8 6.27 0.75 -0.17
CA ALA A 8 7.56 0.41 0.43
C ALA A 8 7.32 -0.20 1.81
N GLN A 9 6.47 0.48 2.57
CA GLN A 9 6.10 0.14 3.92
C GLN A 9 5.12 -1.04 3.90
N CYS A 10 4.50 -1.26 2.74
CA CYS A 10 3.51 -2.26 2.44
C CYS A 10 2.48 -2.28 3.56
N SER A 11 1.49 -1.40 3.41
CA SER A 11 0.43 -1.13 4.37
C SER A 11 -0.84 -0.81 3.58
N LEU A 12 -1.86 -1.67 3.69
CA LEU A 12 -3.16 -1.31 3.17
C LEU A 12 -3.71 -0.13 3.96
N THR A 13 -3.37 -0.01 5.24
CA THR A 13 -3.81 1.12 6.03
C THR A 13 -3.22 2.42 5.48
N LEU A 14 -1.90 2.50 5.31
CA LEU A 14 -1.28 3.74 4.86
C LEU A 14 -1.76 4.09 3.45
N CYS A 15 -2.28 3.12 2.70
CA CYS A 15 -2.86 3.42 1.39
C CYS A 15 -3.92 4.51 1.49
N GLN A 16 -4.67 4.61 2.59
CA GLN A 16 -5.64 5.69 2.75
C GLN A 16 -5.05 7.11 2.63
N ASP A 17 -3.73 7.33 2.76
CA ASP A 17 -3.18 8.64 2.45
C ASP A 17 -3.14 8.85 0.93
N CYS A 18 -2.86 7.77 0.18
CA CYS A 18 -2.73 7.85 -1.26
C CYS A 18 -4.10 8.00 -1.90
N GLU A 19 -4.17 8.74 -3.02
CA GLU A 19 -5.38 9.00 -3.76
C GLU A 19 -6.20 7.72 -3.93
N ASN A 20 -5.59 6.72 -4.56
CA ASN A 20 -6.28 5.56 -5.08
C ASN A 20 -6.12 4.36 -4.17
N THR A 21 -6.75 4.39 -2.99
CA THR A 21 -6.65 3.32 -1.99
C THR A 21 -6.51 1.92 -2.63
N PRO A 22 -7.49 1.39 -3.38
CA PRO A 22 -7.40 0.05 -3.94
C PRO A 22 -6.25 -0.19 -4.93
N ILE A 23 -5.83 0.81 -5.71
CA ILE A 23 -4.68 0.65 -6.59
C ILE A 23 -3.41 0.58 -5.74
N CYS A 24 -3.37 1.36 -4.67
CA CYS A 24 -2.28 1.26 -3.70
C CYS A 24 -2.31 -0.10 -3.03
N GLU A 25 -3.48 -0.56 -2.59
CA GLU A 25 -3.69 -1.86 -1.99
C GLU A 25 -3.11 -2.94 -2.89
N LEU A 26 -3.46 -2.88 -4.18
CA LEU A 26 -2.98 -3.83 -5.14
C LEU A 26 -1.45 -3.83 -5.20
N ALA A 27 -0.83 -2.65 -5.23
CA ALA A 27 0.62 -2.56 -5.23
C ALA A 27 1.25 -3.06 -3.93
N VAL A 28 0.59 -2.84 -2.79
CA VAL A 28 1.00 -3.37 -1.49
C VAL A 28 0.99 -4.90 -1.52
N LYS A 29 -0.14 -5.48 -1.94
CA LYS A 29 -0.23 -6.90 -2.28
C LYS A 29 0.92 -7.28 -3.21
N GLY A 30 1.20 -6.41 -4.17
CA GLY A 30 2.26 -6.55 -5.14
C GLY A 30 3.63 -6.68 -4.47
N SER A 31 3.92 -5.86 -3.46
CA SER A 31 5.26 -5.80 -2.90
C SER A 31 5.44 -6.91 -1.87
N CYS A 32 4.53 -7.01 -0.90
CA CYS A 32 4.70 -7.82 0.30
C CYS A 32 3.52 -8.77 0.45
N PRO A 33 3.68 -9.95 1.07
CA PRO A 33 2.63 -10.94 1.18
C PRO A 33 1.69 -10.60 2.34
N PRO A 34 0.46 -11.14 2.33
CA PRO A 34 -0.47 -11.02 3.43
C PRO A 34 0.02 -11.86 4.63
N PRO A 35 0.01 -11.34 5.86
CA PRO A 35 -0.58 -10.07 6.25
C PRO A 35 0.45 -8.93 6.16
N TRP A 36 -0.04 -7.70 6.01
CA TRP A 36 0.76 -6.48 5.99
C TRP A 36 0.86 -5.92 7.40
N SER A 37 1.25 -6.79 8.34
CA SER A 37 1.22 -6.54 9.77
C SER A 37 -0.21 -6.32 10.27
N ASP A 1 5.94 9.77 -3.51
CA ASP A 1 4.91 10.42 -2.69
C ASP A 1 4.47 9.43 -1.61
N ILE A 2 3.49 9.80 -0.78
CA ILE A 2 2.97 8.91 0.25
C ILE A 2 2.41 7.61 -0.31
N CYS A 3 1.84 7.62 -1.51
CA CYS A 3 1.34 6.39 -2.11
C CYS A 3 2.48 5.41 -2.30
N ASP A 4 3.60 5.93 -2.79
CA ASP A 4 4.83 5.15 -2.91
C ASP A 4 5.32 4.70 -1.53
N ILE A 5 5.30 5.61 -0.55
CA ILE A 5 5.60 5.27 0.84
C ILE A 5 4.80 4.04 1.24
N ALA A 6 3.47 4.08 1.15
CA ALA A 6 2.59 3.01 1.59
C ALA A 6 2.98 1.66 0.99
N ILE A 7 3.44 1.65 -0.26
CA ILE A 7 3.88 0.44 -0.93
C ILE A 7 5.24 0.01 -0.39
N ALA A 8 6.19 0.93 -0.22
CA ALA A 8 7.48 0.64 0.39
C ALA A 8 7.33 0.10 1.82
N GLN A 9 6.35 0.63 2.54
CA GLN A 9 5.94 0.23 3.89
C GLN A 9 5.18 -1.10 3.81
N CYS A 10 4.56 -1.33 2.66
CA CYS A 10 3.56 -2.34 2.37
C CYS A 10 2.54 -2.39 3.52
N SER A 11 1.76 -1.33 3.59
CA SER A 11 0.69 -1.09 4.55
C SER A 11 -0.55 -0.68 3.76
N LEU A 12 -1.62 -1.47 3.82
CA LEU A 12 -2.89 -1.07 3.21
C LEU A 12 -3.45 0.10 4.01
N THR A 13 -3.26 0.11 5.32
CA THR A 13 -3.69 1.22 6.15
C THR A 13 -3.04 2.52 5.66
N LEU A 14 -1.73 2.51 5.42
CA LEU A 14 -1.05 3.68 4.91
C LEU A 14 -1.52 3.98 3.48
N CYS A 15 -1.99 2.99 2.75
CA CYS A 15 -2.55 3.24 1.42
C CYS A 15 -3.80 4.08 1.51
N GLN A 16 -4.48 4.15 2.65
CA GLN A 16 -5.61 5.06 2.78
C GLN A 16 -5.16 6.53 2.71
N ASP A 17 -3.86 6.82 2.80
CA ASP A 17 -3.32 8.16 2.50
C ASP A 17 -3.19 8.35 0.99
N CYS A 18 -3.06 7.28 0.21
CA CYS A 18 -2.88 7.37 -1.24
C CYS A 18 -4.20 7.73 -1.90
N GLU A 19 -4.17 8.66 -2.85
CA GLU A 19 -5.32 9.03 -3.66
C GLU A 19 -6.04 7.77 -4.16
N ASN A 20 -5.40 7.00 -5.05
CA ASN A 20 -5.98 5.80 -5.58
C ASN A 20 -5.73 4.65 -4.63
N THR A 21 -6.34 4.74 -3.45
CA THR A 21 -6.29 3.75 -2.40
C THR A 21 -6.29 2.29 -2.90
N PRO A 22 -7.31 1.78 -3.63
CA PRO A 22 -7.32 0.37 -4.00
C PRO A 22 -6.19 -0.04 -4.94
N ILE A 23 -5.75 0.88 -5.82
CA ILE A 23 -4.59 0.66 -6.68
C ILE A 23 -3.35 0.49 -5.80
N CYS A 24 -3.24 1.35 -4.79
CA CYS A 24 -2.16 1.29 -3.83
C CYS A 24 -2.21 -0.03 -3.07
N GLU A 25 -3.38 -0.40 -2.56
CA GLU A 25 -3.63 -1.68 -1.91
C GLU A 25 -3.19 -2.84 -2.79
N LEU A 26 -3.54 -2.80 -4.08
CA LEU A 26 -3.12 -3.80 -5.04
C LEU A 26 -1.59 -3.92 -5.04
N ALA A 27 -0.91 -2.79 -5.22
CA ALA A 27 0.54 -2.77 -5.24
C ALA A 27 1.12 -3.29 -3.92
N VAL A 28 0.57 -2.90 -2.77
CA VAL A 28 0.96 -3.42 -1.46
C VAL A 28 0.91 -4.95 -1.48
N LYS A 29 -0.23 -5.50 -1.90
CA LYS A 29 -0.42 -6.93 -1.91
C LYS A 29 0.56 -7.60 -2.89
N GLY A 30 0.99 -6.86 -3.91
CA GLY A 30 1.93 -7.33 -4.89
C GLY A 30 3.37 -7.22 -4.40
N SER A 31 3.68 -6.23 -3.57
CA SER A 31 5.06 -5.98 -3.18
C SER A 31 5.41 -6.90 -2.02
N CYS A 32 4.52 -7.03 -1.05
CA CYS A 32 4.73 -7.84 0.14
C CYS A 32 3.57 -8.81 0.24
N PRO A 33 3.79 -10.04 0.71
CA PRO A 33 2.72 -11.00 0.88
C PRO A 33 1.83 -10.57 2.06
N PRO A 34 0.65 -11.19 2.21
CA PRO A 34 -0.10 -11.11 3.46
C PRO A 34 0.75 -11.74 4.57
N PRO A 35 0.70 -11.22 5.81
CA PRO A 35 -0.07 -10.06 6.23
C PRO A 35 0.68 -8.77 5.92
N TRP A 36 0.01 -7.63 6.16
CA TRP A 36 0.59 -6.30 6.03
C TRP A 36 0.49 -5.58 7.36
N SER A 37 1.07 -4.38 7.43
CA SER A 37 0.97 -3.51 8.59
C SER A 37 -0.36 -2.76 8.49
#